data_1SF8
#
_entry.id   1SF8
#
_cell.length_a   103.516
_cell.length_b   103.516
_cell.length_c   249.738
_cell.angle_alpha   90.00
_cell.angle_beta   90.00
_cell.angle_gamma   90.00
#
_symmetry.space_group_name_H-M   'P 43 21 2'
#
loop_
_entity.id
_entity.type
_entity.pdbx_description
1 polymer 'Chaperone protein htpG'
2 non-polymer 'NICKEL (II) ION'
3 non-polymer 'CHLORIDE ION'
4 water water
#
_entity_poly.entity_id   1
_entity_poly.type   'polypeptide(L)'
_entity_poly.pdbx_seq_one_letter_code
;MRGSHHHHHHGSFIDRVKALLGERVKDVRLTHRLTDTPAIVSTDADE(MSE)STQ(MSE)AKLFAAAGQKVPEVKYIFEL
NPDHVLVKRAADTEDEAKFSEWVELLLDQALLAERGTLEDPNLFIRR(MSE)NQLLVS
;
_entity_poly.pdbx_strand_id   A,B,C,D,E,F,G,H
#
loop_
_chem_comp.id
_chem_comp.type
_chem_comp.name
_chem_comp.formula
CL non-polymer 'CHLORIDE ION' 'Cl -1'
NI non-polymer 'NICKEL (II) ION' 'Ni 2'
#
# COMPACT_ATOMS: atom_id res chain seq x y z
N SER A 12 10.26 -32.53 -15.80
CA SER A 12 11.37 -31.63 -15.36
C SER A 12 11.24 -31.12 -13.92
N PHE A 13 12.38 -30.92 -13.26
CA PHE A 13 12.38 -30.44 -11.88
C PHE A 13 11.68 -29.11 -11.67
N ILE A 14 12.20 -28.05 -12.30
CA ILE A 14 11.62 -26.72 -12.15
C ILE A 14 10.11 -26.70 -12.38
N ASP A 15 9.66 -27.35 -13.46
CA ASP A 15 8.24 -27.42 -13.77
C ASP A 15 7.51 -28.21 -12.68
N ARG A 16 8.13 -29.29 -12.22
CA ARG A 16 7.53 -30.11 -11.18
C ARG A 16 7.34 -29.31 -9.89
N VAL A 17 8.22 -28.35 -9.65
CA VAL A 17 8.10 -27.52 -8.44
C VAL A 17 7.03 -26.47 -8.67
N LYS A 18 7.03 -25.86 -9.87
CA LYS A 18 6.03 -24.85 -10.18
C LYS A 18 4.63 -25.46 -10.00
N ALA A 19 4.41 -26.62 -10.59
CA ALA A 19 3.11 -27.26 -10.48
C ALA A 19 2.69 -27.37 -9.04
N LEU A 20 3.58 -27.95 -8.24
CA LEU A 20 3.28 -28.15 -6.83
C LEU A 20 2.92 -26.88 -6.08
N LEU A 21 3.76 -25.86 -6.20
CA LEU A 21 3.54 -24.61 -5.51
C LEU A 21 2.43 -23.74 -6.08
N GLY A 22 2.05 -24.00 -7.32
CA GLY A 22 1.00 -23.21 -7.94
C GLY A 22 1.28 -21.72 -7.90
N GLU A 23 0.31 -20.96 -7.40
CA GLU A 23 0.45 -19.50 -7.35
C GLU A 23 1.02 -18.97 -6.06
N ARG A 24 1.33 -19.86 -5.13
CA ARG A 24 1.90 -19.45 -3.84
C ARG A 24 3.21 -18.71 -4.09
N VAL A 25 3.70 -18.81 -5.31
CA VAL A 25 4.95 -18.18 -5.67
C VAL A 25 4.83 -17.49 -7.01
N LYS A 26 5.59 -16.43 -7.20
CA LYS A 26 5.54 -15.71 -8.47
C LYS A 26 6.22 -16.48 -9.59
N ASP A 27 7.30 -17.17 -9.27
CA ASP A 27 8.05 -17.92 -10.28
C ASP A 27 9.03 -18.87 -9.60
N VAL A 28 9.60 -19.79 -10.37
CA VAL A 28 10.56 -20.74 -9.83
C VAL A 28 11.74 -20.81 -10.78
N ARG A 29 12.93 -20.46 -10.29
CA ARG A 29 14.12 -20.49 -11.12
C ARG A 29 15.27 -21.20 -10.42
N LEU A 30 16.29 -21.55 -11.21
CA LEU A 30 17.49 -22.19 -10.67
C LEU A 30 18.58 -21.14 -10.72
N THR A 31 19.20 -20.85 -9.59
CA THR A 31 20.27 -19.86 -9.59
C THR A 31 21.56 -20.55 -9.14
N HIS A 32 22.67 -20.26 -9.83
CA HIS A 32 23.94 -20.84 -9.46
C HIS A 32 24.71 -19.97 -8.48
N ARG A 33 23.97 -19.29 -7.62
CA ARG A 33 24.59 -18.44 -6.62
C ARG A 33 25.10 -19.37 -5.51
N LEU A 34 25.96 -20.31 -5.91
CA LEU A 34 26.60 -21.32 -5.06
C LEU A 34 26.85 -20.88 -3.61
N THR A 35 26.67 -21.81 -2.69
CA THR A 35 26.87 -21.54 -1.29
C THR A 35 26.33 -22.76 -0.59
N ASP A 36 26.17 -22.66 0.72
CA ASP A 36 25.64 -23.77 1.47
C ASP A 36 24.12 -23.70 1.42
N THR A 37 23.60 -22.54 1.03
CA THR A 37 22.16 -22.34 0.98
C THR A 37 21.53 -23.01 -0.22
N PRO A 38 20.55 -23.91 0.03
CA PRO A 38 19.87 -24.62 -1.05
C PRO A 38 18.75 -23.86 -1.72
N ALA A 39 18.25 -22.83 -1.06
CA ALA A 39 17.15 -22.08 -1.63
C ALA A 39 17.11 -20.65 -1.14
N ILE A 40 16.58 -19.78 -1.98
CA ILE A 40 16.47 -18.38 -1.60
C ILE A 40 15.18 -17.84 -2.21
N VAL A 41 14.70 -16.75 -1.64
CA VAL A 41 13.46 -16.16 -2.09
C VAL A 41 13.67 -14.67 -2.30
N SER A 42 12.99 -14.09 -3.28
CA SER A 42 13.13 -12.65 -3.53
C SER A 42 11.92 -12.05 -4.26
N THR A 43 11.81 -10.74 -4.22
CA THR A 43 10.71 -10.04 -4.87
C THR A 43 11.23 -9.21 -6.02
N ASP A 44 10.38 -8.94 -7.01
CA ASP A 44 10.79 -8.13 -8.16
C ASP A 44 10.84 -6.63 -7.87
N ALA A 45 11.67 -5.94 -8.64
CA ALA A 45 11.93 -4.50 -8.54
C ALA A 45 10.82 -3.62 -8.01
N ASP A 46 9.71 -3.55 -8.73
CA ASP A 46 8.64 -2.68 -8.29
C ASP A 46 7.40 -3.46 -7.89
N GLU A 47 7.58 -4.30 -6.87
CA GLU A 47 6.49 -5.07 -6.32
C GLU A 47 6.63 -5.06 -4.81
N MSE A 48 5.53 -5.35 -4.14
CA MSE A 48 5.47 -5.39 -2.69
C MSE A 48 6.71 -6.11 -2.14
O MSE A 48 6.90 -7.29 -2.36
CB MSE A 48 4.19 -6.12 -2.27
CG MSE A 48 3.83 -6.02 -0.80
SE MSE A 48 3.83 -4.15 -0.17
CE MSE A 48 2.30 -3.60 -1.12
N SER A 49 7.58 -5.39 -1.43
CA SER A 49 8.76 -6.04 -0.88
C SER A 49 8.45 -6.51 0.52
N THR A 50 9.16 -7.53 0.97
CA THR A 50 8.94 -8.06 2.31
C THR A 50 9.17 -6.97 3.34
N GLN A 51 10.07 -6.04 3.03
CA GLN A 51 10.33 -4.93 3.94
C GLN A 51 9.09 -4.01 4.01
N MSE A 52 8.48 -3.73 2.85
CA MSE A 52 7.30 -2.87 2.81
C MSE A 52 6.15 -3.56 3.52
O MSE A 52 5.43 -2.92 4.29
CB MSE A 52 6.90 -2.55 1.37
CG MSE A 52 5.70 -1.55 1.20
SE MSE A 52 6.10 0.35 1.34
CE MSE A 52 7.00 0.63 -0.34
N ALA A 53 5.96 -4.85 3.26
CA ALA A 53 4.89 -5.61 3.89
C ALA A 53 4.93 -5.52 5.41
N LYS A 54 6.12 -5.45 5.98
CA LYS A 54 6.27 -5.37 7.43
C LYS A 54 5.90 -3.99 7.94
N LEU A 55 6.06 -3.00 7.08
CA LEU A 55 5.73 -1.63 7.45
C LEU A 55 4.24 -1.53 7.68
N PHE A 56 3.48 -2.28 6.89
CA PHE A 56 2.04 -2.26 7.03
C PHE A 56 1.61 -2.88 8.33
N ALA A 57 2.21 -4.00 8.66
CA ALA A 57 1.89 -4.69 9.91
C ALA A 57 2.20 -3.74 11.06
N ALA A 58 3.35 -3.10 10.96
CA ALA A 58 3.82 -2.18 11.99
C ALA A 58 2.96 -0.93 12.10
N ALA A 59 2.06 -0.76 11.14
CA ALA A 59 1.18 0.41 11.15
C ALA A 59 -0.26 -0.02 11.45
N GLY A 60 -0.43 -1.27 11.84
CA GLY A 60 -1.76 -1.77 12.16
C GLY A 60 -2.61 -2.20 10.98
N GLN A 61 -2.04 -2.13 9.79
CA GLN A 61 -2.76 -2.52 8.59
C GLN A 61 -2.47 -4.00 8.35
N LYS A 62 -3.33 -4.67 7.60
CA LYS A 62 -3.09 -6.07 7.28
C LYS A 62 -1.97 -6.13 6.26
N VAL A 63 -1.19 -7.20 6.29
CA VAL A 63 -0.07 -7.35 5.36
C VAL A 63 -0.46 -7.65 3.92
N PRO A 64 -0.11 -6.75 2.98
CA PRO A 64 -0.43 -6.92 1.56
C PRO A 64 0.31 -8.16 1.08
N GLU A 65 -0.29 -8.85 0.10
CA GLU A 65 0.30 -10.05 -0.45
C GLU A 65 1.67 -9.80 -1.09
N VAL A 66 2.62 -10.71 -0.83
CA VAL A 66 3.96 -10.62 -1.39
C VAL A 66 4.22 -11.84 -2.30
N LYS A 67 4.40 -11.59 -3.59
CA LYS A 67 4.66 -12.65 -4.54
C LYS A 67 6.16 -12.88 -4.61
N TYR A 68 6.63 -13.97 -4.00
CA TYR A 68 8.05 -14.27 -3.99
C TYR A 68 8.47 -15.07 -5.20
N ILE A 69 9.76 -14.95 -5.53
CA ILE A 69 10.37 -15.72 -6.60
C ILE A 69 11.21 -16.75 -5.84
N PHE A 70 10.86 -18.02 -6.03
CA PHE A 70 11.54 -19.13 -5.37
C PHE A 70 12.73 -19.60 -6.23
N GLU A 71 13.96 -19.43 -5.71
CA GLU A 71 15.15 -19.84 -6.46
C GLU A 71 15.90 -20.97 -5.78
N LEU A 72 16.15 -22.06 -6.52
CA LEU A 72 16.85 -23.21 -5.98
C LEU A 72 18.29 -23.38 -6.51
N ASN A 73 19.18 -23.83 -5.64
CA ASN A 73 20.59 -24.05 -6.00
C ASN A 73 20.77 -25.50 -6.48
N PRO A 74 20.92 -25.70 -7.79
CA PRO A 74 21.08 -27.06 -8.31
C PRO A 74 22.35 -27.78 -7.85
N ASP A 75 23.34 -27.02 -7.42
CA ASP A 75 24.60 -27.59 -6.97
C ASP A 75 24.52 -28.15 -5.55
N HIS A 76 23.41 -27.87 -4.87
CA HIS A 76 23.26 -28.31 -3.48
C HIS A 76 22.76 -29.74 -3.37
N VAL A 77 23.33 -30.45 -2.40
CA VAL A 77 23.00 -31.83 -2.15
C VAL A 77 21.51 -32.00 -1.89
N LEU A 78 20.92 -31.10 -1.12
CA LEU A 78 19.49 -31.20 -0.81
C LEU A 78 18.57 -30.92 -1.98
N VAL A 79 18.96 -30.01 -2.87
CA VAL A 79 18.11 -29.71 -4.01
C VAL A 79 18.22 -30.88 -4.99
N LYS A 80 19.42 -31.42 -5.12
CA LYS A 80 19.64 -32.56 -6.02
C LYS A 80 18.83 -33.73 -5.52
N ARG A 81 18.83 -33.92 -4.21
CA ARG A 81 18.10 -35.01 -3.60
C ARG A 81 16.63 -34.87 -3.90
N ALA A 82 16.12 -33.68 -3.64
CA ALA A 82 14.72 -33.36 -3.87
C ALA A 82 14.31 -33.75 -5.28
N ALA A 83 15.08 -33.28 -6.25
CA ALA A 83 14.84 -33.55 -7.65
C ALA A 83 14.82 -35.03 -7.97
N ASP A 84 15.68 -35.78 -7.29
CA ASP A 84 15.80 -37.23 -7.49
C ASP A 84 14.73 -38.05 -6.82
N THR A 85 13.92 -37.41 -5.99
CA THR A 85 12.86 -38.13 -5.30
C THR A 85 11.71 -38.42 -6.24
N GLU A 86 11.39 -39.70 -6.39
CA GLU A 86 10.30 -40.11 -7.26
C GLU A 86 8.96 -39.97 -6.56
N ASP A 87 8.90 -40.46 -5.32
CA ASP A 87 7.67 -40.38 -4.55
C ASP A 87 7.12 -38.96 -4.55
N GLU A 88 5.80 -38.83 -4.59
CA GLU A 88 5.19 -37.52 -4.61
C GLU A 88 5.18 -36.82 -3.27
N ALA A 89 4.72 -37.53 -2.25
CA ALA A 89 4.65 -36.96 -0.91
C ALA A 89 6.01 -36.51 -0.42
N LYS A 90 7.01 -37.34 -0.67
CA LYS A 90 8.37 -37.03 -0.25
C LYS A 90 8.86 -35.80 -1.00
N PHE A 91 8.70 -35.82 -2.31
CA PHE A 91 9.12 -34.69 -3.11
C PHE A 91 8.51 -33.42 -2.55
N SER A 92 7.30 -33.55 -2.02
CA SER A 92 6.60 -32.40 -1.46
C SER A 92 7.23 -31.95 -0.14
N GLU A 93 7.54 -32.89 0.75
CA GLU A 93 8.14 -32.53 2.01
C GLU A 93 9.39 -31.68 1.79
N TRP A 94 10.20 -32.06 0.79
CA TRP A 94 11.42 -31.31 0.48
C TRP A 94 11.13 -29.90 -0.02
N VAL A 95 10.33 -29.77 -1.07
CA VAL A 95 10.01 -28.47 -1.59
C VAL A 95 9.47 -27.60 -0.44
N GLU A 96 8.51 -28.13 0.30
CA GLU A 96 7.95 -27.39 1.43
C GLU A 96 9.03 -27.00 2.44
N LEU A 97 9.93 -27.93 2.76
CA LEU A 97 10.98 -27.64 3.71
C LEU A 97 11.94 -26.56 3.20
N LEU A 98 12.21 -26.59 1.90
CA LEU A 98 13.12 -25.63 1.28
C LEU A 98 12.48 -24.26 1.18
N LEU A 99 11.19 -24.24 0.85
CA LEU A 99 10.50 -22.97 0.75
C LEU A 99 10.46 -22.32 2.12
N ASP A 100 10.04 -23.03 3.16
CA ASP A 100 9.99 -22.40 4.49
C ASP A 100 11.34 -21.88 4.95
N GLN A 101 12.36 -22.60 4.55
CA GLN A 101 13.73 -22.29 4.89
C GLN A 101 14.09 -20.94 4.26
N ALA A 102 13.83 -20.82 2.97
CA ALA A 102 14.11 -19.59 2.26
C ALA A 102 13.28 -18.47 2.91
N LEU A 103 12.00 -18.75 3.13
CA LEU A 103 11.15 -17.74 3.75
C LEU A 103 11.65 -17.32 5.12
N LEU A 104 12.05 -18.29 5.94
CA LEU A 104 12.55 -17.93 7.26
C LEU A 104 13.77 -17.03 7.16
N ALA A 105 14.58 -17.21 6.13
CA ALA A 105 15.78 -16.39 5.98
C ALA A 105 15.40 -14.97 5.54
N GLU A 106 14.42 -14.90 4.66
CA GLU A 106 13.96 -13.64 4.11
C GLU A 106 13.27 -12.74 5.12
N ARG A 107 12.32 -13.29 5.86
CA ARG A 107 11.59 -12.47 6.82
C ARG A 107 11.87 -12.74 8.28
N GLY A 108 12.77 -13.68 8.58
CA GLY A 108 13.08 -13.98 9.96
C GLY A 108 11.88 -14.49 10.75
N THR A 109 10.80 -14.81 10.04
CA THR A 109 9.58 -15.31 10.69
C THR A 109 8.84 -16.27 9.78
N LEU A 110 8.00 -17.09 10.36
CA LEU A 110 7.21 -18.02 9.57
C LEU A 110 5.76 -17.95 10.00
N GLU A 111 4.87 -18.27 9.08
CA GLU A 111 3.46 -18.26 9.40
C GLU A 111 3.19 -19.36 10.42
N ASP A 112 3.69 -20.57 10.15
CA ASP A 112 3.49 -21.74 11.03
C ASP A 112 4.86 -22.37 11.42
N PRO A 113 5.58 -21.74 12.37
CA PRO A 113 6.89 -22.15 12.88
C PRO A 113 6.90 -23.62 13.23
N ASN A 114 5.88 -24.04 13.96
CA ASN A 114 5.76 -25.42 14.37
C ASN A 114 5.59 -26.39 13.24
N LEU A 115 4.98 -25.96 12.16
CA LEU A 115 4.80 -26.88 11.06
C LEU A 115 6.18 -27.15 10.46
N PHE A 116 7.00 -26.11 10.41
CA PHE A 116 8.35 -26.17 9.88
C PHE A 116 9.17 -27.15 10.72
N ILE A 117 9.13 -26.94 12.02
CA ILE A 117 9.87 -27.78 12.93
C ILE A 117 9.40 -29.22 12.86
N ARG A 118 8.12 -29.38 12.61
CA ARG A 118 7.55 -30.71 12.54
C ARG A 118 8.05 -31.44 11.31
N ARG A 119 7.97 -30.79 10.15
CA ARG A 119 8.40 -31.44 8.91
C ARG A 119 9.92 -31.66 8.87
N MSE A 120 10.65 -30.81 9.58
CA MSE A 120 12.09 -30.89 9.65
C MSE A 120 12.41 -32.21 10.34
O MSE A 120 13.03 -33.11 9.76
CB MSE A 120 12.58 -29.73 10.52
CG MSE A 120 14.04 -29.44 10.46
SE MSE A 120 14.34 -28.14 11.84
CE MSE A 120 13.09 -26.79 11.01
N ASN A 121 11.94 -32.33 11.59
CA ASN A 121 12.16 -33.53 12.38
C ASN A 121 11.65 -34.79 11.70
N GLN A 122 10.61 -34.67 10.89
CA GLN A 122 10.10 -35.87 10.22
C GLN A 122 11.14 -36.39 9.22
N LEU A 123 11.79 -35.49 8.48
CA LEU A 123 12.81 -35.88 7.52
C LEU A 123 14.08 -36.27 8.27
N LEU A 124 14.22 -35.83 9.52
CA LEU A 124 15.41 -36.16 10.30
C LEU A 124 15.38 -37.54 10.90
N VAL A 125 14.20 -38.10 11.06
CA VAL A 125 14.08 -39.41 11.66
C VAL A 125 13.87 -40.49 10.63
N SER A 126 13.31 -40.12 9.48
CA SER A 126 13.08 -41.11 8.43
C SER A 126 14.37 -41.51 7.71
N SER B 12 41.87 -2.23 7.15
CA SER B 12 41.68 -3.15 5.99
C SER B 12 41.04 -2.39 4.83
N PHE B 13 40.59 -3.14 3.84
CA PHE B 13 39.96 -2.54 2.67
C PHE B 13 38.71 -1.77 3.08
N ILE B 14 37.78 -2.48 3.72
CA ILE B 14 36.54 -1.89 4.17
C ILE B 14 36.77 -0.60 4.92
N ASP B 15 37.83 -0.56 5.72
CA ASP B 15 38.14 0.63 6.50
C ASP B 15 38.39 1.87 5.63
N ARG B 16 39.38 1.78 4.74
CA ARG B 16 39.71 2.91 3.87
C ARG B 16 38.53 3.32 2.98
N VAL B 17 37.64 2.36 2.73
CA VAL B 17 36.47 2.64 1.93
C VAL B 17 35.49 3.42 2.81
N LYS B 18 35.40 3.04 4.08
CA LYS B 18 34.50 3.75 4.98
C LYS B 18 34.98 5.17 5.18
N ALA B 19 36.29 5.32 5.29
CA ALA B 19 36.91 6.63 5.49
C ALA B 19 36.63 7.55 4.32
N LEU B 20 36.69 6.99 3.12
CA LEU B 20 36.47 7.72 1.89
C LEU B 20 35.02 8.15 1.75
N LEU B 21 34.11 7.20 1.88
CA LEU B 21 32.70 7.52 1.75
C LEU B 21 32.22 8.38 2.90
N GLY B 22 32.52 7.95 4.12
CA GLY B 22 32.10 8.70 5.29
C GLY B 22 30.61 8.57 5.58
N GLU B 23 29.97 9.68 5.90
CA GLU B 23 28.55 9.69 6.22
C GLU B 23 27.67 9.41 5.00
N ARG B 24 28.29 9.32 3.82
CA ARG B 24 27.56 9.06 2.58
C ARG B 24 26.83 7.72 2.59
N VAL B 25 27.37 6.78 3.35
CA VAL B 25 26.77 5.46 3.47
C VAL B 25 26.63 5.15 4.95
N LYS B 26 25.65 4.32 5.29
CA LYS B 26 25.41 3.95 6.68
C LYS B 26 26.44 2.94 7.18
N ASP B 27 26.90 2.08 6.28
CA ASP B 27 27.90 1.08 6.64
C ASP B 27 28.49 0.42 5.38
N VAL B 28 29.62 -0.24 5.53
CA VAL B 28 30.27 -0.91 4.40
C VAL B 28 30.63 -2.33 4.82
N ARG B 29 30.20 -3.32 4.03
CA ARG B 29 30.46 -4.71 4.34
C ARG B 29 30.93 -5.44 3.10
N LEU B 30 31.01 -6.77 3.19
CA LEU B 30 31.40 -7.61 2.05
C LEU B 30 30.33 -8.69 1.91
N THR B 31 30.19 -9.25 0.72
CA THR B 31 29.19 -10.30 0.51
C THR B 31 29.55 -11.30 -0.59
N HIS B 32 29.38 -12.58 -0.29
CA HIS B 32 29.68 -13.65 -1.23
C HIS B 32 28.43 -14.04 -1.97
N ARG B 33 27.36 -13.27 -1.80
CA ARG B 33 26.12 -13.59 -2.46
C ARG B 33 25.94 -12.84 -3.76
N LEU B 34 27.02 -12.26 -4.26
CA LEU B 34 26.94 -11.52 -5.50
C LEU B 34 27.44 -12.33 -6.68
N THR B 35 26.57 -12.43 -7.69
CA THR B 35 26.82 -13.16 -8.94
C THR B 35 28.13 -12.69 -9.55
N ASP B 36 28.02 -11.86 -10.58
CA ASP B 36 29.17 -11.28 -11.27
C ASP B 36 29.05 -9.77 -11.04
N THR B 37 28.25 -9.44 -10.04
CA THR B 37 27.99 -8.08 -9.62
C THR B 37 29.01 -7.73 -8.56
N PRO B 38 29.90 -6.78 -8.86
CA PRO B 38 30.97 -6.33 -7.96
C PRO B 38 30.50 -5.67 -6.68
N ALA B 39 29.36 -4.99 -6.72
CA ALA B 39 28.87 -4.32 -5.52
C ALA B 39 27.36 -4.17 -5.58
N ILE B 40 26.75 -4.01 -4.42
CA ILE B 40 25.32 -3.88 -4.34
C ILE B 40 25.07 -2.92 -3.19
N VAL B 41 23.82 -2.54 -3.02
CA VAL B 41 23.48 -1.61 -1.96
C VAL B 41 22.15 -2.05 -1.38
N SER B 42 21.90 -1.74 -0.12
CA SER B 42 20.65 -2.15 0.52
C SER B 42 20.40 -1.42 1.81
N THR B 43 19.23 -1.71 2.39
CA THR B 43 18.84 -1.10 3.64
C THR B 43 18.52 -2.20 4.67
N ASP B 44 18.65 -1.87 5.95
CA ASP B 44 18.37 -2.84 7.00
C ASP B 44 16.88 -3.01 7.29
N ALA B 45 16.56 -4.15 7.88
CA ALA B 45 15.19 -4.53 8.25
C ALA B 45 14.26 -3.40 8.66
N ASP B 46 14.69 -2.57 9.62
CA ASP B 46 13.84 -1.48 10.11
C ASP B 46 14.32 -0.11 9.62
N GLU B 47 14.97 -0.09 8.48
CA GLU B 47 15.47 1.15 7.90
C GLU B 47 14.62 1.57 6.70
N MSE B 48 14.68 2.85 6.36
CA MSE B 48 13.93 3.41 5.22
C MSE B 48 14.43 2.73 3.94
O MSE B 48 15.63 2.79 3.64
CB MSE B 48 14.18 4.91 5.11
CG MSE B 48 13.60 5.57 3.87
SE MSE B 48 11.74 6.01 4.07
CE MSE B 48 11.97 7.53 5.21
N SER B 49 13.53 2.11 3.20
CA SER B 49 13.90 1.43 1.96
C SER B 49 13.69 2.32 0.75
N THR B 50 14.33 1.95 -0.35
CA THR B 50 14.23 2.69 -1.59
C THR B 50 12.78 2.74 -2.04
N GLN B 51 12.09 1.61 -1.95
CA GLN B 51 10.71 1.53 -2.36
C GLN B 51 9.85 2.40 -1.44
N MSE B 52 10.19 2.41 -0.16
CA MSE B 52 9.44 3.24 0.80
C MSE B 52 9.61 4.71 0.42
O MSE B 52 8.63 5.43 0.28
CB MSE B 52 9.95 2.98 2.23
CG MSE B 52 9.26 1.81 2.98
SE MSE B 52 10.12 1.24 4.65
CE MSE B 52 10.50 2.97 5.45
N ALA B 53 10.85 5.14 0.21
CA ALA B 53 11.14 6.51 -0.18
C ALA B 53 10.45 6.92 -1.48
N LYS B 54 10.44 5.99 -2.43
CA LYS B 54 9.84 6.23 -3.74
C LYS B 54 8.37 6.52 -3.56
N LEU B 55 7.74 5.80 -2.64
CA LEU B 55 6.32 5.96 -2.36
C LEU B 55 6.07 7.30 -1.72
N PHE B 56 6.64 7.48 -0.54
CA PHE B 56 6.52 8.71 0.23
C PHE B 56 6.78 9.93 -0.67
N ALA B 57 7.59 9.72 -1.71
CA ALA B 57 7.92 10.80 -2.64
C ALA B 57 6.80 11.08 -3.63
N ALA B 58 6.03 10.05 -3.94
CA ALA B 58 4.92 10.20 -4.88
C ALA B 58 3.80 11.00 -4.23
N ALA B 59 3.92 11.25 -2.93
CA ALA B 59 2.92 12.02 -2.21
C ALA B 59 3.28 13.50 -2.20
N GLY B 60 4.57 13.79 -2.30
CA GLY B 60 5.02 15.17 -2.30
C GLY B 60 6.37 15.36 -1.64
N GLN B 61 6.38 15.45 -0.31
CA GLN B 61 7.62 15.63 0.45
C GLN B 61 8.60 14.49 0.20
N LYS B 62 9.90 14.80 0.20
CA LYS B 62 10.93 13.77 0.00
C LYS B 62 11.60 13.41 1.31
N VAL B 63 11.42 12.17 1.74
CA VAL B 63 12.01 11.69 2.98
C VAL B 63 13.52 11.82 2.94
N PRO B 64 14.18 11.82 4.12
CA PRO B 64 15.63 11.93 4.22
C PRO B 64 16.34 10.95 3.28
N GLU B 65 17.44 11.41 2.70
CA GLU B 65 18.19 10.58 1.77
C GLU B 65 18.46 9.21 2.37
N VAL B 66 17.88 8.19 1.76
CA VAL B 66 18.06 6.85 2.25
C VAL B 66 19.53 6.52 2.47
N LYS B 67 19.88 6.03 3.65
CA LYS B 67 21.26 5.66 3.93
C LYS B 67 21.42 4.19 3.61
N TYR B 68 22.18 3.91 2.56
CA TYR B 68 22.39 2.55 2.13
C TYR B 68 23.57 1.86 2.79
N ILE B 69 23.58 0.53 2.71
CA ILE B 69 24.67 -0.23 3.23
C ILE B 69 25.45 -0.64 1.98
N PHE B 70 26.69 -0.19 1.88
CA PHE B 70 27.50 -0.48 0.73
C PHE B 70 28.17 -1.83 0.88
N GLU B 71 27.72 -2.81 0.09
CA GLU B 71 28.25 -4.18 0.12
C GLU B 71 29.07 -4.50 -1.13
N LEU B 72 30.30 -4.97 -0.92
CA LEU B 72 31.20 -5.31 -2.03
C LEU B 72 31.45 -6.82 -2.17
N ASN B 73 31.81 -7.24 -3.38
CA ASN B 73 32.10 -8.66 -3.64
C ASN B 73 33.62 -8.82 -3.68
N PRO B 74 34.19 -9.41 -2.62
CA PRO B 74 35.63 -9.65 -2.48
C PRO B 74 36.24 -10.48 -3.60
N ASP B 75 35.46 -11.38 -4.19
CA ASP B 75 36.00 -12.24 -5.25
C ASP B 75 35.86 -11.65 -6.66
N HIS B 76 35.42 -10.40 -6.75
CA HIS B 76 35.25 -9.77 -8.06
C HIS B 76 36.52 -9.06 -8.48
N VAL B 77 36.93 -9.29 -9.72
CA VAL B 77 38.15 -8.69 -10.24
C VAL B 77 38.25 -7.19 -9.97
N LEU B 78 37.19 -6.46 -10.28
CA LEU B 78 37.18 -5.01 -10.08
C LEU B 78 37.34 -4.64 -8.61
N VAL B 79 36.70 -5.36 -7.70
CA VAL B 79 36.82 -5.03 -6.29
C VAL B 79 38.25 -5.27 -5.81
N LYS B 80 38.86 -6.33 -6.31
CA LYS B 80 40.23 -6.62 -5.92
C LYS B 80 41.11 -5.56 -6.53
N ARG B 81 40.93 -5.33 -7.83
CA ARG B 81 41.71 -4.33 -8.52
C ARG B 81 41.71 -3.00 -7.77
N ALA B 82 40.60 -2.71 -7.09
CA ALA B 82 40.46 -1.48 -6.32
C ALA B 82 41.22 -1.56 -5.00
N ALA B 83 41.23 -2.75 -4.42
CA ALA B 83 41.90 -2.94 -3.15
C ALA B 83 43.42 -2.99 -3.35
N ASP B 84 43.88 -3.75 -4.34
CA ASP B 84 45.30 -3.87 -4.60
C ASP B 84 45.89 -2.64 -5.28
N THR B 85 45.46 -1.46 -4.85
CA THR B 85 45.94 -0.21 -5.44
C THR B 85 46.62 0.72 -4.43
N GLU B 86 47.89 1.02 -4.69
CA GLU B 86 48.67 1.89 -3.83
C GLU B 86 48.41 3.35 -4.16
N ASP B 87 47.67 3.58 -5.23
CA ASP B 87 47.35 4.94 -5.64
C ASP B 87 46.01 5.36 -5.04
N GLU B 88 46.06 6.29 -4.09
CA GLU B 88 44.85 6.77 -3.45
C GLU B 88 43.85 7.38 -4.44
N ALA B 89 44.36 7.96 -5.52
CA ALA B 89 43.50 8.56 -6.53
C ALA B 89 42.68 7.49 -7.25
N LYS B 90 43.38 6.49 -7.78
CA LYS B 90 42.77 5.37 -8.49
C LYS B 90 41.74 4.72 -7.58
N PHE B 91 42.19 4.29 -6.41
CA PHE B 91 41.33 3.67 -5.41
C PHE B 91 40.02 4.44 -5.29
N SER B 92 40.12 5.77 -5.29
CA SER B 92 38.95 6.61 -5.17
C SER B 92 37.99 6.42 -6.37
N GLU B 93 38.52 6.52 -7.58
CA GLU B 93 37.71 6.35 -8.79
C GLU B 93 36.93 5.03 -8.75
N TRP B 94 37.61 3.93 -8.43
CA TRP B 94 36.96 2.63 -8.38
C TRP B 94 35.82 2.64 -7.37
N VAL B 95 36.12 2.99 -6.13
CA VAL B 95 35.06 2.99 -5.13
C VAL B 95 33.87 3.83 -5.62
N GLU B 96 34.13 5.01 -6.17
CA GLU B 96 33.06 5.87 -6.67
C GLU B 96 32.30 5.21 -7.80
N LEU B 97 33.02 4.55 -8.69
CA LEU B 97 32.38 3.86 -9.81
C LEU B 97 31.40 2.82 -9.29
N LEU B 98 31.89 1.98 -8.38
CA LEU B 98 31.11 0.90 -7.80
C LEU B 98 29.92 1.36 -6.96
N LEU B 99 30.10 2.44 -6.21
CA LEU B 99 29.01 2.95 -5.40
C LEU B 99 27.87 3.41 -6.32
N ASP B 100 28.21 4.20 -7.34
CA ASP B 100 27.22 4.69 -8.28
C ASP B 100 26.61 3.54 -9.04
N GLN B 101 27.44 2.58 -9.40
CA GLN B 101 27.00 1.40 -10.11
C GLN B 101 25.89 0.73 -9.30
N ALA B 102 26.08 0.68 -7.98
CA ALA B 102 25.10 0.08 -7.10
C ALA B 102 23.83 0.93 -6.96
N LEU B 103 24.00 2.23 -6.83
CA LEU B 103 22.88 3.16 -6.70
C LEU B 103 22.04 3.12 -7.98
N LEU B 104 22.71 3.08 -9.13
CA LEU B 104 22.01 3.07 -10.39
C LEU B 104 21.13 1.84 -10.49
N ALA B 105 21.66 0.72 -10.00
CA ALA B 105 20.91 -0.53 -10.04
C ALA B 105 19.71 -0.48 -9.10
N GLU B 106 19.92 0.02 -7.87
CA GLU B 106 18.90 0.13 -6.85
C GLU B 106 17.84 1.20 -7.15
N ARG B 107 18.28 2.44 -7.35
CA ARG B 107 17.38 3.56 -7.61
C ARG B 107 16.94 3.72 -9.06
N GLY B 108 17.79 3.30 -9.99
CA GLY B 108 17.46 3.44 -11.40
C GLY B 108 17.83 4.80 -11.96
N THR B 109 18.43 5.63 -11.11
CA THR B 109 18.87 6.97 -11.50
C THR B 109 20.04 7.38 -10.62
N LEU B 110 20.65 8.50 -10.98
CA LEU B 110 21.77 9.05 -10.26
C LEU B 110 21.63 10.58 -10.26
N GLU B 111 21.96 11.23 -9.15
CA GLU B 111 21.86 12.68 -9.08
C GLU B 111 22.64 13.33 -10.22
N ASP B 112 23.88 12.91 -10.40
CA ASP B 112 24.76 13.47 -11.41
C ASP B 112 25.35 12.38 -12.30
N PRO B 113 24.50 11.79 -13.17
CA PRO B 113 24.83 10.73 -14.12
C PRO B 113 26.08 10.96 -14.93
N ASN B 114 26.20 12.17 -15.45
CA ASN B 114 27.35 12.47 -16.29
C ASN B 114 28.71 12.31 -15.58
N LEU B 115 28.73 12.47 -14.27
CA LEU B 115 29.96 12.31 -13.50
C LEU B 115 30.35 10.84 -13.54
N PHE B 116 29.35 10.01 -13.27
CA PHE B 116 29.49 8.57 -13.30
C PHE B 116 30.02 8.15 -14.67
N ILE B 117 29.41 8.69 -15.73
CA ILE B 117 29.80 8.35 -17.10
C ILE B 117 31.24 8.70 -17.41
N ARG B 118 31.66 9.86 -16.93
CA ARG B 118 33.03 10.32 -17.13
C ARG B 118 34.01 9.49 -16.33
N ARG B 119 33.58 9.06 -15.15
CA ARG B 119 34.45 8.24 -14.32
C ARG B 119 34.67 6.91 -15.03
N MSE B 120 33.56 6.31 -15.49
CA MSE B 120 33.62 5.05 -16.21
C MSE B 120 34.46 5.11 -17.48
O MSE B 120 35.26 4.20 -17.75
CB MSE B 120 32.22 4.59 -16.54
CG MSE B 120 32.13 3.49 -17.58
SE MSE B 120 30.26 3.25 -18.28
CE MSE B 120 29.86 4.77 -19.35
N ASN B 121 34.31 6.17 -18.26
CA ASN B 121 35.13 6.27 -19.47
C ASN B 121 36.60 6.30 -19.08
N GLN B 122 36.90 7.01 -18.00
CA GLN B 122 38.27 7.14 -17.48
C GLN B 122 38.86 5.75 -17.17
N LEU B 123 38.21 5.03 -16.27
CA LEU B 123 38.66 3.70 -15.89
C LEU B 123 38.71 2.75 -17.10
N LEU B 124 37.90 3.00 -18.13
CA LEU B 124 37.94 2.15 -19.30
C LEU B 124 39.19 2.40 -20.13
N VAL B 125 39.82 3.55 -19.90
CA VAL B 125 41.02 3.95 -20.65
C VAL B 125 42.34 3.74 -19.93
N SER B 126 42.33 3.92 -18.62
CA SER B 126 43.53 3.75 -17.83
C SER B 126 43.60 2.34 -17.27
N HIS C 7 -30.94 20.18 -9.88
CA HIS C 7 -30.56 19.85 -8.48
C HIS C 7 -29.38 20.73 -8.07
N HIS C 8 -29.08 21.73 -8.88
CA HIS C 8 -27.97 22.64 -8.59
C HIS C 8 -28.39 23.78 -7.66
N HIS C 9 -27.50 24.10 -6.71
CA HIS C 9 -27.72 25.15 -5.73
C HIS C 9 -26.40 25.49 -5.04
N HIS C 10 -26.22 26.77 -4.70
CA HIS C 10 -24.99 27.20 -4.04
C HIS C 10 -25.08 28.61 -3.47
N GLY C 11 -23.94 29.30 -3.48
CA GLY C 11 -23.88 30.65 -2.97
C GLY C 11 -22.47 30.94 -2.49
N SER C 12 -22.33 31.93 -1.61
CA SER C 12 -21.04 32.31 -1.06
C SER C 12 -20.74 31.47 0.18
N PHE C 13 -21.69 30.61 0.54
CA PHE C 13 -21.51 29.75 1.70
C PHE C 13 -20.18 29.03 1.58
N ILE C 14 -19.92 28.46 0.41
CA ILE C 14 -18.68 27.74 0.15
C ILE C 14 -17.48 28.66 0.32
N ASP C 15 -17.75 29.95 0.41
CA ASP C 15 -16.68 30.94 0.55
C ASP C 15 -16.53 31.37 2.00
N ARG C 16 -17.67 31.70 2.64
CA ARG C 16 -17.64 32.13 4.01
C ARG C 16 -17.03 31.06 4.92
N VAL C 17 -16.88 29.87 4.37
CA VAL C 17 -16.30 28.79 5.14
C VAL C 17 -14.79 28.75 4.92
N LYS C 18 -14.37 29.06 3.69
CA LYS C 18 -12.95 29.05 3.34
C LYS C 18 -12.07 29.98 4.17
N ALA C 19 -12.44 31.25 4.23
CA ALA C 19 -11.67 32.22 4.98
C ALA C 19 -11.67 31.90 6.48
N LEU C 20 -12.71 31.22 6.95
CA LEU C 20 -12.79 30.87 8.37
C LEU C 20 -11.78 29.80 8.71
N LEU C 21 -11.76 28.73 7.93
CA LEU C 21 -10.83 27.63 8.16
C LEU C 21 -9.42 28.02 7.74
N GLY C 22 -9.32 28.74 6.62
CA GLY C 22 -8.02 29.17 6.14
C GLY C 22 -7.12 28.04 5.68
N GLU C 23 -5.90 28.01 6.23
CA GLU C 23 -4.90 26.99 5.89
C GLU C 23 -5.27 25.57 6.32
N ARG C 24 -5.93 25.44 7.47
CA ARG C 24 -6.33 24.14 7.99
C ARG C 24 -6.89 23.25 6.90
N VAL C 25 -7.61 23.86 5.96
CA VAL C 25 -8.21 23.12 4.86
C VAL C 25 -7.64 23.57 3.52
N LYS C 26 -7.11 22.62 2.75
CA LYS C 26 -6.54 22.91 1.44
C LYS C 26 -7.58 23.60 0.56
N ASP C 27 -8.83 23.14 0.63
CA ASP C 27 -9.93 23.68 -0.15
C ASP C 27 -11.30 23.21 0.38
N VAL C 28 -12.36 23.91 0.02
CA VAL C 28 -13.71 23.56 0.44
C VAL C 28 -14.58 23.35 -0.80
N ARG C 29 -15.56 22.46 -0.72
CA ARG C 29 -16.42 22.19 -1.87
C ARG C 29 -17.82 21.78 -1.45
N LEU C 30 -18.70 21.66 -2.43
CA LEU C 30 -20.06 21.24 -2.16
C LEU C 30 -20.35 20.02 -3.00
N THR C 31 -20.02 18.84 -2.49
CA THR C 31 -20.29 17.63 -3.27
C THR C 31 -21.32 16.74 -2.60
N HIS C 32 -22.09 16.01 -3.40
CA HIS C 32 -23.11 15.11 -2.86
C HIS C 32 -22.51 13.82 -2.32
N ARG C 33 -23.28 13.08 -1.55
CA ARG C 33 -22.79 11.84 -0.95
C ARG C 33 -23.82 10.75 -1.13
N LEU C 34 -23.39 9.49 -1.07
CA LEU C 34 -24.35 8.41 -1.21
C LEU C 34 -24.80 7.96 0.18
N THR C 35 -24.18 8.54 1.20
CA THR C 35 -24.50 8.24 2.59
C THR C 35 -25.02 9.50 3.26
N ASP C 36 -25.85 9.36 4.28
CA ASP C 36 -26.40 10.53 4.95
C ASP C 36 -25.36 11.19 5.84
N THR C 37 -24.27 11.63 5.23
CA THR C 37 -23.20 12.27 5.97
C THR C 37 -23.20 13.76 5.72
N PRO C 38 -23.12 14.55 6.78
CA PRO C 38 -23.11 16.01 6.60
C PRO C 38 -21.89 16.44 5.78
N ALA C 39 -20.74 15.87 6.09
CA ALA C 39 -19.54 16.25 5.36
C ALA C 39 -18.39 15.27 5.54
N ILE C 40 -17.56 15.14 4.50
CA ILE C 40 -16.41 14.25 4.57
C ILE C 40 -15.16 15.08 4.34
N VAL C 41 -14.03 14.40 4.36
CA VAL C 41 -12.76 15.07 4.15
C VAL C 41 -11.94 14.17 3.22
N SER C 42 -11.13 14.76 2.35
CA SER C 42 -10.31 13.97 1.44
C SER C 42 -9.06 14.71 1.00
N THR C 43 -8.25 14.04 0.20
CA THR C 43 -7.01 14.61 -0.32
C THR C 43 -6.87 14.32 -1.82
N ASP C 44 -6.32 15.29 -2.55
CA ASP C 44 -6.15 15.12 -3.99
C ASP C 44 -5.24 13.96 -4.35
N ALA C 45 -5.34 13.50 -5.60
CA ALA C 45 -4.52 12.40 -6.08
C ALA C 45 -3.06 12.83 -5.90
N ASP C 46 -2.16 11.86 -5.83
CA ASP C 46 -0.75 12.18 -5.63
C ASP C 46 -0.63 13.15 -4.46
N GLU C 47 -1.18 12.75 -3.33
CA GLU C 47 -1.14 13.53 -2.11
C GLU C 47 -1.14 12.56 -0.92
N MSE C 48 -0.46 12.97 0.15
CA MSE C 48 -0.35 12.16 1.36
C MSE C 48 -1.73 11.80 1.92
O MSE C 48 -2.33 12.60 2.65
CB MSE C 48 0.46 12.92 2.43
CG MSE C 48 0.65 12.19 3.73
SE MSE C 48 2.49 12.05 4.25
CE MSE C 48 2.64 10.14 4.48
N SER C 49 -2.21 10.61 1.60
CA SER C 49 -3.52 10.16 2.07
C SER C 49 -3.50 9.92 3.58
N THR C 50 -4.64 9.50 4.12
CA THR C 50 -4.72 9.26 5.54
C THR C 50 -3.97 7.98 5.91
N GLN C 51 -4.33 6.88 5.25
CA GLN C 51 -3.70 5.59 5.50
C GLN C 51 -2.19 5.68 5.28
N MSE C 52 -1.81 6.50 4.31
CA MSE C 52 -0.41 6.72 3.96
C MSE C 52 0.33 7.43 5.08
O MSE C 52 1.52 7.21 5.30
CB MSE C 52 -0.32 7.55 2.69
CG MSE C 52 0.39 6.87 1.52
SE MSE C 52 2.31 6.66 1.72
CE MSE C 52 2.87 7.72 0.21
N ALA C 53 -0.38 8.30 5.78
CA ALA C 53 0.26 9.03 6.86
C ALA C 53 0.69 8.07 7.98
N LYS C 54 -0.06 6.99 8.19
CA LYS C 54 0.25 6.02 9.24
C LYS C 54 1.55 5.26 8.93
N LEU C 55 1.72 4.86 7.67
CA LEU C 55 2.93 4.15 7.25
C LEU C 55 4.11 5.05 7.52
N PHE C 56 3.93 6.33 7.25
CA PHE C 56 4.99 7.30 7.47
C PHE C 56 5.44 7.25 8.91
N ALA C 57 4.47 7.18 9.83
CA ALA C 57 4.75 7.14 11.25
C ALA C 57 5.49 5.85 11.59
N ALA C 58 4.90 4.73 11.21
CA ALA C 58 5.50 3.44 11.47
C ALA C 58 6.95 3.41 11.01
N ALA C 59 7.23 4.08 9.89
CA ALA C 59 8.57 4.14 9.34
C ALA C 59 9.45 5.09 10.12
N GLY C 60 9.03 5.40 11.34
CA GLY C 60 9.77 6.30 12.20
C GLY C 60 10.08 7.64 11.56
N GLN C 61 9.10 8.16 10.82
CA GLN C 61 9.25 9.44 10.14
C GLN C 61 8.30 10.47 10.73
N LYS C 62 8.78 11.69 10.87
CA LYS C 62 7.97 12.77 11.40
C LYS C 62 6.79 13.03 10.46
N VAL C 63 5.63 12.46 10.80
CA VAL C 63 4.40 12.59 10.01
C VAL C 63 3.97 14.04 9.80
N PRO C 64 4.02 14.52 8.54
CA PRO C 64 3.63 15.89 8.22
C PRO C 64 2.13 16.07 8.46
N GLU C 65 1.74 17.26 8.93
CA GLU C 65 0.33 17.52 9.18
C GLU C 65 -0.41 17.78 7.88
N VAL C 66 -1.00 16.72 7.34
CA VAL C 66 -1.74 16.78 6.08
C VAL C 66 -2.85 17.82 6.04
N LYS C 67 -3.11 18.37 4.85
CA LYS C 67 -4.17 19.34 4.64
C LYS C 67 -5.22 18.63 3.81
N TYR C 68 -6.44 18.61 4.31
CA TYR C 68 -7.54 17.95 3.63
C TYR C 68 -8.41 18.90 2.82
N ILE C 69 -9.33 18.32 2.06
CA ILE C 69 -10.27 19.08 1.25
C ILE C 69 -11.64 18.87 1.90
N PHE C 70 -12.17 19.92 2.51
CA PHE C 70 -13.46 19.85 3.17
C PHE C 70 -14.63 19.80 2.20
N GLU C 71 -15.34 18.68 2.16
CA GLU C 71 -16.47 18.53 1.25
C GLU C 71 -17.83 18.48 1.95
N LEU C 72 -18.59 19.58 1.87
CA LEU C 72 -19.91 19.65 2.49
C LEU C 72 -21.01 19.06 1.64
N ASN C 73 -22.01 18.44 2.31
CA ASN C 73 -23.14 17.83 1.61
C ASN C 73 -24.35 18.76 1.56
N PRO C 74 -24.68 19.26 0.36
CA PRO C 74 -25.80 20.18 0.13
C PRO C 74 -27.16 19.68 0.63
N ASP C 75 -27.48 18.45 0.27
CA ASP C 75 -28.75 17.85 0.64
C ASP C 75 -28.90 17.49 2.12
N HIS C 76 -27.89 17.80 2.93
CA HIS C 76 -27.94 17.46 4.36
C HIS C 76 -28.48 18.57 5.26
N VAL C 77 -29.37 18.18 6.16
CA VAL C 77 -30.00 19.11 7.10
C VAL C 77 -29.04 19.98 7.91
N LEU C 78 -28.03 19.38 8.53
CA LEU C 78 -27.12 20.20 9.33
C LEU C 78 -26.28 21.11 8.48
N VAL C 79 -26.06 20.73 7.23
CA VAL C 79 -25.24 21.56 6.35
C VAL C 79 -26.09 22.75 5.97
N LYS C 80 -27.36 22.48 5.73
CA LYS C 80 -28.30 23.53 5.39
C LYS C 80 -28.41 24.45 6.60
N ARG C 81 -28.87 23.90 7.73
CA ARG C 81 -29.01 24.71 8.95
C ARG C 81 -27.80 25.59 9.20
N ALA C 82 -26.66 25.21 8.64
CA ALA C 82 -25.48 26.01 8.82
C ALA C 82 -25.60 27.23 7.93
N ALA C 83 -25.85 27.01 6.65
CA ALA C 83 -25.97 28.10 5.68
C ALA C 83 -27.21 28.99 5.89
N ASP C 84 -28.20 28.48 6.63
CA ASP C 84 -29.43 29.23 6.90
C ASP C 84 -29.37 30.02 8.21
N THR C 85 -28.26 29.91 8.93
CA THR C 85 -28.10 30.64 10.18
C THR C 85 -27.22 31.86 9.89
N GLU C 86 -27.71 33.04 10.25
CA GLU C 86 -26.96 34.28 10.01
C GLU C 86 -25.98 34.62 11.12
N ASP C 87 -26.46 34.60 12.36
CA ASP C 87 -25.59 34.91 13.49
C ASP C 87 -24.27 34.16 13.40
N GLU C 88 -23.17 34.87 13.67
CA GLU C 88 -21.83 34.29 13.59
C GLU C 88 -21.40 33.62 14.89
N ALA C 89 -22.38 33.22 15.69
CA ALA C 89 -22.12 32.56 16.96
C ALA C 89 -22.43 31.07 16.82
N LYS C 90 -23.24 30.74 15.82
CA LYS C 90 -23.63 29.36 15.54
C LYS C 90 -22.85 28.87 14.31
N PHE C 91 -22.35 29.81 13.52
CA PHE C 91 -21.59 29.48 12.32
C PHE C 91 -20.31 28.72 12.63
N SER C 92 -19.25 29.43 13.02
CA SER C 92 -17.99 28.77 13.35
C SER C 92 -18.27 27.49 14.17
N GLU C 93 -19.25 27.58 15.06
CA GLU C 93 -19.66 26.45 15.91
C GLU C 93 -20.01 25.24 15.04
N TRP C 94 -21.02 25.40 14.18
CA TRP C 94 -21.46 24.32 13.31
C TRP C 94 -20.42 23.89 12.29
N VAL C 95 -19.58 24.81 11.86
CA VAL C 95 -18.55 24.49 10.88
C VAL C 95 -17.47 23.65 11.55
N GLU C 96 -16.89 24.20 12.61
CA GLU C 96 -15.85 23.50 13.35
C GLU C 96 -16.28 22.09 13.74
N LEU C 97 -17.57 21.91 14.03
CA LEU C 97 -18.13 20.62 14.41
C LEU C 97 -18.10 19.67 13.23
N LEU C 98 -18.76 20.10 12.15
CA LEU C 98 -18.81 19.31 10.94
C LEU C 98 -17.41 18.93 10.47
N LEU C 99 -16.48 19.86 10.58
CA LEU C 99 -15.12 19.57 10.16
C LEU C 99 -14.55 18.44 10.99
N ASP C 100 -14.63 18.56 12.32
CA ASP C 100 -14.13 17.51 13.20
C ASP C 100 -14.76 16.17 12.93
N GLN C 101 -16.04 16.16 12.60
CA GLN C 101 -16.72 14.92 12.30
C GLN C 101 -15.97 14.24 11.17
N ALA C 102 -15.67 15.02 10.13
CA ALA C 102 -14.96 14.51 8.96
C ALA C 102 -13.58 13.99 9.34
N LEU C 103 -12.82 14.78 10.09
CA LEU C 103 -11.49 14.38 10.54
C LEU C 103 -11.59 13.09 11.37
N LEU C 104 -12.49 13.09 12.35
CA LEU C 104 -12.68 11.93 13.19
C LEU C 104 -13.02 10.71 12.35
N ALA C 105 -13.86 10.88 11.33
CA ALA C 105 -14.24 9.75 10.49
C ALA C 105 -13.13 9.34 9.53
N GLU C 106 -12.17 10.24 9.31
CA GLU C 106 -11.06 9.94 8.41
C GLU C 106 -9.85 9.43 9.19
N ARG C 107 -9.39 10.21 10.16
CA ARG C 107 -8.24 9.86 10.97
C ARG C 107 -8.56 8.85 12.05
N GLY C 108 -9.83 8.78 12.43
CA GLY C 108 -10.25 7.86 13.47
C GLY C 108 -9.84 8.41 14.82
N THR C 109 -9.35 9.64 14.82
CA THR C 109 -8.89 10.27 16.04
C THR C 109 -8.72 11.76 15.82
N LEU C 110 -8.85 12.55 16.88
CA LEU C 110 -8.72 13.99 16.78
C LEU C 110 -7.57 14.51 17.62
N GLU C 111 -7.05 15.68 17.27
CA GLU C 111 -5.96 16.26 18.03
C GLU C 111 -6.47 16.66 19.40
N ASP C 112 -7.67 17.25 19.44
CA ASP C 112 -8.28 17.71 20.68
C ASP C 112 -9.67 17.09 20.87
N PRO C 113 -9.74 15.84 21.32
CA PRO C 113 -11.01 15.13 21.53
C PRO C 113 -11.97 15.84 22.47
N ASN C 114 -11.45 16.37 23.56
CA ASN C 114 -12.28 17.05 24.54
C ASN C 114 -12.93 18.29 23.96
N LEU C 115 -12.21 18.98 23.09
CA LEU C 115 -12.76 20.17 22.46
C LEU C 115 -13.97 19.76 21.64
N PHE C 116 -13.80 18.74 20.81
CA PHE C 116 -14.88 18.26 19.98
C PHE C 116 -16.06 17.89 20.87
N ILE C 117 -15.76 17.27 22.01
CA ILE C 117 -16.83 16.86 22.92
C ILE C 117 -17.49 18.10 23.48
N ARG C 118 -16.69 19.08 23.87
CA ARG C 118 -17.25 20.31 24.40
C ARG C 118 -18.12 21.01 23.35
N ARG C 119 -17.65 21.06 22.11
CA ARG C 119 -18.41 21.69 21.04
C ARG C 119 -19.78 21.06 20.85
N MSE C 120 -19.84 19.74 20.71
CA MSE C 120 -21.12 19.09 20.50
C MSE C 120 -22.04 19.29 21.68
O MSE C 120 -23.26 19.35 21.53
CB MSE C 120 -20.94 17.60 20.20
CG MSE C 120 -20.56 16.70 21.37
SE MSE C 120 -20.50 14.82 20.83
CE MSE C 120 -18.70 15.00 20.03
N ASN C 121 -21.47 19.38 22.87
CA ASN C 121 -22.30 19.57 24.05
C ASN C 121 -22.93 20.95 24.05
N GLN C 122 -22.15 21.95 23.64
CA GLN C 122 -22.67 23.32 23.56
C GLN C 122 -23.83 23.32 22.57
N LEU C 123 -23.60 22.81 21.36
CA LEU C 123 -24.64 22.76 20.34
C LEU C 123 -25.81 21.87 20.67
N LEU C 124 -25.60 20.89 21.53
CA LEU C 124 -26.68 19.96 21.88
C LEU C 124 -27.63 20.57 22.89
N VAL C 125 -27.10 21.46 23.72
CA VAL C 125 -27.86 22.14 24.75
C VAL C 125 -28.61 23.33 24.17
N SER C 126 -27.90 24.10 23.34
CA SER C 126 -28.50 25.26 22.69
C SER C 126 -29.47 24.80 21.60
N SER D 12 -31.18 -16.92 -1.48
CA SER D 12 -31.68 -15.56 -1.08
C SER D 12 -31.19 -14.49 -2.06
N PHE D 13 -31.09 -13.25 -1.58
CA PHE D 13 -30.63 -12.15 -2.42
C PHE D 13 -29.12 -12.02 -2.36
N ILE D 14 -28.60 -11.75 -1.17
CA ILE D 14 -27.16 -11.61 -1.01
C ILE D 14 -26.44 -12.83 -1.57
N ASP D 15 -26.98 -14.01 -1.27
CA ASP D 15 -26.36 -15.24 -1.76
C ASP D 15 -26.51 -15.33 -3.27
N ARG D 16 -27.52 -14.67 -3.82
CA ARG D 16 -27.71 -14.71 -5.26
C ARG D 16 -26.75 -13.73 -5.93
N VAL D 17 -26.42 -12.64 -5.23
CA VAL D 17 -25.49 -11.65 -5.75
C VAL D 17 -24.06 -12.17 -5.71
N LYS D 18 -23.63 -12.67 -4.54
CA LYS D 18 -22.30 -13.22 -4.37
C LYS D 18 -21.97 -14.25 -5.43
N ALA D 19 -22.98 -14.98 -5.86
CA ALA D 19 -22.80 -16.00 -6.88
C ALA D 19 -22.50 -15.36 -8.23
N LEU D 20 -23.23 -14.30 -8.55
CA LEU D 20 -23.05 -13.61 -9.82
C LEU D 20 -21.67 -12.94 -9.91
N LEU D 21 -21.45 -11.97 -9.04
CA LEU D 21 -20.18 -11.24 -9.01
C LEU D 21 -19.01 -12.18 -8.75
N GLY D 22 -19.17 -13.07 -7.79
CA GLY D 22 -18.11 -14.00 -7.48
C GLY D 22 -16.94 -13.32 -6.78
N GLU D 23 -15.74 -13.58 -7.29
CA GLU D 23 -14.53 -13.01 -6.71
C GLU D 23 -14.28 -11.56 -7.13
N ARG D 24 -15.20 -10.99 -7.91
CA ARG D 24 -15.06 -9.61 -8.35
C ARG D 24 -15.17 -8.68 -7.15
N VAL D 25 -15.71 -9.20 -6.06
CA VAL D 25 -15.87 -8.42 -4.84
C VAL D 25 -15.45 -9.28 -3.66
N LYS D 26 -15.23 -8.65 -2.53
CA LYS D 26 -14.82 -9.37 -1.34
C LYS D 26 -16.01 -10.01 -0.65
N ASP D 27 -17.08 -9.25 -0.52
CA ASP D 27 -18.28 -9.70 0.15
C ASP D 27 -19.46 -8.79 -0.18
N VAL D 28 -20.68 -9.28 0.04
CA VAL D 28 -21.88 -8.50 -0.24
C VAL D 28 -22.76 -8.42 1.01
N ARG D 29 -22.86 -7.25 1.62
CA ARG D 29 -23.68 -7.08 2.83
C ARG D 29 -24.84 -6.11 2.58
N LEU D 30 -25.81 -6.08 3.49
CA LEU D 30 -26.93 -5.15 3.38
C LEU D 30 -26.59 -3.98 4.28
N THR D 31 -27.24 -2.84 4.09
CA THR D 31 -26.94 -1.71 4.95
C THR D 31 -28.16 -0.85 5.17
N HIS D 32 -28.09 -0.02 6.20
CA HIS D 32 -29.17 0.89 6.51
C HIS D 32 -28.66 2.33 6.64
N ARG D 33 -27.36 2.55 6.42
CA ARG D 33 -26.82 3.91 6.53
C ARG D 33 -26.94 4.69 5.22
N LEU D 34 -27.83 4.22 4.37
CA LEU D 34 -28.12 4.82 3.07
C LEU D 34 -29.62 5.13 3.05
N THR D 35 -29.99 6.32 2.61
CA THR D 35 -31.41 6.66 2.60
C THR D 35 -32.04 6.55 1.20
N ASP D 36 -31.48 7.27 0.22
CA ASP D 36 -32.02 7.25 -1.13
C ASP D 36 -31.18 6.50 -2.15
N THR D 37 -29.95 6.15 -1.80
CA THR D 37 -29.06 5.43 -2.70
C THR D 37 -29.23 3.92 -2.57
N PRO D 38 -29.19 3.20 -3.70
CA PRO D 38 -29.33 1.75 -3.75
C PRO D 38 -28.14 0.93 -3.27
N ALA D 39 -26.94 1.45 -3.52
CA ALA D 39 -25.75 0.71 -3.12
C ALA D 39 -24.47 1.53 -3.15
N ILE D 40 -23.45 1.01 -2.48
CA ILE D 40 -22.13 1.64 -2.43
C ILE D 40 -21.09 0.55 -2.22
N VAL D 41 -19.84 0.96 -2.13
CA VAL D 41 -18.78 -0.02 -1.94
C VAL D 41 -17.75 0.54 -0.97
N SER D 42 -17.09 -0.33 -0.22
CA SER D 42 -16.08 0.13 0.72
C SER D 42 -14.98 -0.90 0.96
N THR D 43 -14.00 -0.51 1.76
CA THR D 43 -12.86 -1.35 2.10
C THR D 43 -12.62 -1.22 3.59
N ASP D 44 -12.19 -2.31 4.23
CA ASP D 44 -11.90 -2.30 5.66
C ASP D 44 -10.74 -1.37 5.98
N ALA D 45 -10.88 -0.60 7.05
CA ALA D 45 -9.86 0.37 7.43
C ALA D 45 -8.48 -0.27 7.65
N ASP D 46 -8.46 -1.56 7.90
CA ASP D 46 -7.20 -2.26 8.12
C ASP D 46 -6.62 -2.80 6.81
N GLU D 47 -7.39 -2.68 5.74
CA GLU D 47 -6.92 -3.15 4.43
C GLU D 47 -6.57 -2.00 3.49
N MSE D 48 -6.15 -2.37 2.29
CA MSE D 48 -5.76 -1.42 1.25
C MSE D 48 -6.89 -0.54 0.77
O MSE D 48 -7.91 -1.04 0.30
CB MSE D 48 -5.21 -2.19 0.07
CG MSE D 48 -3.70 -2.21 0.01
SE MSE D 48 -3.04 -0.55 -0.72
CE MSE D 48 -1.47 -0.53 0.43
N SER D 49 -6.69 0.77 0.86
CA SER D 49 -7.70 1.73 0.42
C SER D 49 -7.59 1.97 -1.09
N THR D 50 -8.59 2.64 -1.66
CA THR D 50 -8.61 2.95 -3.08
C THR D 50 -7.54 4.00 -3.39
N GLN D 51 -7.48 5.04 -2.59
CA GLN D 51 -6.50 6.10 -2.82
C GLN D 51 -5.08 5.61 -2.56
N MSE D 52 -4.89 4.77 -1.54
CA MSE D 52 -3.56 4.24 -1.21
C MSE D 52 -3.04 3.44 -2.40
O MSE D 52 -1.89 3.60 -2.82
CB MSE D 52 -3.61 3.33 0.04
CG MSE D 52 -2.25 2.71 0.48
SE MSE D 52 -0.84 3.92 1.15
CE MSE D 52 0.28 4.03 -0.40
N ALA D 53 -3.89 2.59 -2.96
CA ALA D 53 -3.50 1.79 -4.11
C ALA D 53 -3.11 2.64 -5.31
N LYS D 54 -3.70 3.82 -5.43
CA LYS D 54 -3.37 4.69 -6.55
C LYS D 54 -1.99 5.30 -6.40
N LEU D 55 -1.59 5.59 -5.16
CA LEU D 55 -0.26 6.14 -4.94
C LEU D 55 0.78 5.13 -5.33
N PHE D 56 0.45 3.86 -5.15
CA PHE D 56 1.39 2.82 -5.51
C PHE D 56 1.65 2.92 -7.01
N ALA D 57 0.58 2.94 -7.79
CA ALA D 57 0.69 3.04 -9.24
C ALA D 57 1.42 4.34 -9.58
N ALA D 58 1.15 5.38 -8.80
CA ALA D 58 1.79 6.65 -9.02
C ALA D 58 3.30 6.54 -8.79
N ALA D 59 3.71 5.63 -7.93
CA ALA D 59 5.13 5.46 -7.68
C ALA D 59 5.66 4.33 -8.55
N GLY D 60 4.91 4.00 -9.59
CA GLY D 60 5.32 2.95 -10.50
C GLY D 60 5.53 1.59 -9.86
N GLN D 61 4.63 1.25 -8.94
CA GLN D 61 4.68 -0.02 -8.25
C GLN D 61 3.49 -0.79 -8.75
N LYS D 62 3.57 -2.11 -8.67
CA LYS D 62 2.46 -2.95 -9.09
C LYS D 62 1.37 -2.58 -8.08
N VAL D 63 0.20 -2.19 -8.57
CA VAL D 63 -0.87 -1.81 -7.67
C VAL D 63 -1.37 -3.01 -6.85
N PRO D 64 -1.35 -2.88 -5.51
CA PRO D 64 -1.79 -3.94 -4.59
C PRO D 64 -3.28 -4.24 -4.79
N GLU D 65 -3.69 -5.46 -4.51
CA GLU D 65 -5.10 -5.81 -4.67
C GLU D 65 -6.01 -5.11 -3.67
N VAL D 66 -7.10 -4.54 -4.17
CA VAL D 66 -8.08 -3.85 -3.35
C VAL D 66 -9.33 -4.71 -3.29
N LYS D 67 -9.72 -5.10 -2.08
CA LYS D 67 -10.90 -5.94 -1.89
C LYS D 67 -12.12 -5.09 -1.56
N TYR D 68 -13.05 -4.98 -2.50
CA TYR D 68 -14.25 -4.16 -2.27
C TYR D 68 -15.39 -4.93 -1.60
N ILE D 69 -16.10 -4.23 -0.71
CA ILE D 69 -17.24 -4.80 0.00
C ILE D 69 -18.48 -4.11 -0.54
N PHE D 70 -19.24 -4.86 -1.33
CA PHE D 70 -20.46 -4.36 -1.96
C PHE D 70 -21.61 -4.32 -0.96
N GLU D 71 -21.95 -3.12 -0.50
CA GLU D 71 -23.02 -2.93 0.46
C GLU D 71 -24.28 -2.38 -0.21
N LEU D 72 -25.33 -3.21 -0.23
CA LEU D 72 -26.62 -2.86 -0.83
C LEU D 72 -27.63 -2.31 0.18
N ASN D 73 -28.62 -1.55 -0.32
CA ASN D 73 -29.66 -0.98 0.55
C ASN D 73 -30.96 -1.76 0.34
N PRO D 74 -31.36 -2.57 1.32
CA PRO D 74 -32.58 -3.40 1.26
C PRO D 74 -33.86 -2.59 1.09
N ASP D 75 -33.90 -1.42 1.71
CA ASP D 75 -35.07 -0.55 1.66
C ASP D 75 -35.10 0.37 0.44
N HIS D 76 -34.38 0.03 -0.62
CA HIS D 76 -34.38 0.87 -1.81
C HIS D 76 -35.12 0.22 -2.96
N VAL D 77 -35.93 1.02 -3.64
CA VAL D 77 -36.73 0.54 -4.76
C VAL D 77 -35.97 -0.33 -5.75
N LEU D 78 -34.84 0.19 -6.23
CA LEU D 78 -34.02 -0.51 -7.22
C LEU D 78 -33.47 -1.82 -6.70
N VAL D 79 -33.07 -1.83 -5.42
CA VAL D 79 -32.52 -3.04 -4.83
C VAL D 79 -33.59 -4.13 -4.80
N LYS D 80 -34.77 -3.76 -4.31
CA LYS D 80 -35.90 -4.69 -4.23
C LYS D 80 -36.28 -5.21 -5.60
N ARG D 81 -36.43 -4.31 -6.57
CA ARG D 81 -36.80 -4.71 -7.92
C ARG D 81 -35.81 -5.72 -8.44
N ALA D 82 -34.53 -5.45 -8.18
CA ALA D 82 -33.46 -6.32 -8.63
C ALA D 82 -33.56 -7.68 -7.96
N ALA D 83 -34.00 -7.68 -6.70
CA ALA D 83 -34.13 -8.92 -5.96
C ALA D 83 -35.31 -9.75 -6.47
N ASP D 84 -36.47 -9.12 -6.54
CA ASP D 84 -37.68 -9.80 -7.00
C ASP D 84 -37.72 -9.98 -8.51
N THR D 85 -36.55 -10.25 -9.11
CA THR D 85 -36.49 -10.46 -10.56
C THR D 85 -36.24 -11.93 -10.88
N GLU D 86 -37.10 -12.51 -11.71
CA GLU D 86 -36.96 -13.90 -12.10
C GLU D 86 -35.84 -14.08 -13.12
N ASP D 87 -36.05 -13.53 -14.31
CA ASP D 87 -35.07 -13.62 -15.39
C ASP D 87 -33.67 -13.28 -14.88
N GLU D 88 -32.84 -14.29 -14.68
CA GLU D 88 -31.48 -14.07 -14.20
C GLU D 88 -30.68 -13.17 -15.12
N ALA D 89 -30.99 -13.24 -16.41
CA ALA D 89 -30.31 -12.42 -17.41
C ALA D 89 -30.55 -10.93 -17.11
N LYS D 90 -31.79 -10.60 -16.77
CA LYS D 90 -32.20 -9.24 -16.44
C LYS D 90 -31.68 -8.92 -15.06
N PHE D 91 -31.59 -9.94 -14.22
CA PHE D 91 -31.10 -9.79 -12.86
C PHE D 91 -29.67 -9.27 -12.91
N SER D 92 -28.87 -9.83 -13.80
CA SER D 92 -27.48 -9.42 -13.95
C SER D 92 -27.37 -7.93 -14.22
N GLU D 93 -28.04 -7.47 -15.27
CA GLU D 93 -27.99 -6.06 -15.63
C GLU D 93 -28.21 -5.12 -14.44
N TRP D 94 -29.11 -5.50 -13.53
CA TRP D 94 -29.37 -4.66 -12.36
C TRP D 94 -28.20 -4.64 -11.40
N VAL D 95 -27.61 -5.81 -11.17
CA VAL D 95 -26.47 -5.93 -10.26
C VAL D 95 -25.31 -5.12 -10.84
N GLU D 96 -25.05 -5.32 -12.13
CA GLU D 96 -23.97 -4.62 -12.82
C GLU D 96 -24.11 -3.11 -12.71
N LEU D 97 -25.32 -2.59 -12.92
CA LEU D 97 -25.55 -1.17 -12.83
C LEU D 97 -25.29 -0.66 -11.41
N LEU D 98 -25.72 -1.43 -10.42
CA LEU D 98 -25.53 -1.03 -9.04
C LEU D 98 -24.05 -1.01 -8.67
N LEU D 99 -23.34 -2.07 -9.02
CA LEU D 99 -21.93 -2.18 -8.74
C LEU D 99 -21.17 -1.04 -9.41
N ASP D 100 -21.48 -0.82 -10.69
CA ASP D 100 -20.84 0.23 -11.47
C ASP D 100 -21.01 1.59 -10.85
N GLN D 101 -22.23 1.96 -10.46
CA GLN D 101 -22.36 3.27 -9.86
C GLN D 101 -21.61 3.33 -8.54
N ALA D 102 -21.56 2.21 -7.83
CA ALA D 102 -20.85 2.14 -6.57
C ALA D 102 -19.36 2.38 -6.84
N LEU D 103 -18.83 1.72 -7.86
CA LEU D 103 -17.43 1.89 -8.21
C LEU D 103 -17.16 3.33 -8.68
N LEU D 104 -18.05 3.86 -9.51
CA LEU D 104 -17.91 5.21 -10.01
C LEU D 104 -17.79 6.18 -8.86
N ALA D 105 -18.55 5.94 -7.79
CA ALA D 105 -18.53 6.81 -6.64
C ALA D 105 -17.27 6.66 -5.81
N GLU D 106 -16.78 5.43 -5.72
CA GLU D 106 -15.59 5.11 -4.95
C GLU D 106 -14.30 5.51 -5.68
N ARG D 107 -14.21 5.11 -6.94
CA ARG D 107 -13.04 5.38 -7.75
C ARG D 107 -13.06 6.70 -8.49
N GLY D 108 -14.26 7.20 -8.79
CA GLY D 108 -14.39 8.46 -9.51
C GLY D 108 -14.21 8.23 -10.99
N THR D 109 -14.08 6.97 -11.36
CA THR D 109 -13.87 6.64 -12.75
C THR D 109 -14.17 5.18 -12.97
N LEU D 110 -14.51 4.83 -14.21
CA LEU D 110 -14.82 3.44 -14.53
C LEU D 110 -13.91 2.96 -15.64
N GLU D 111 -13.66 1.66 -15.70
CA GLU D 111 -12.81 1.18 -16.76
C GLU D 111 -13.56 1.03 -18.08
N ASP D 112 -14.85 1.33 -18.07
CA ASP D 112 -15.67 1.24 -19.27
C ASP D 112 -16.92 2.12 -19.10
N PRO D 113 -16.74 3.45 -19.10
CA PRO D 113 -17.86 4.38 -18.94
C PRO D 113 -18.99 4.12 -19.92
N ASN D 114 -18.65 3.90 -21.17
CA ASN D 114 -19.67 3.68 -22.17
C ASN D 114 -20.54 2.47 -21.87
N LEU D 115 -19.92 1.40 -21.40
CA LEU D 115 -20.66 0.20 -21.05
C LEU D 115 -21.67 0.56 -19.95
N PHE D 116 -21.23 1.39 -19.02
CA PHE D 116 -22.09 1.82 -17.91
C PHE D 116 -23.25 2.63 -18.49
N ILE D 117 -22.92 3.70 -19.19
CA ILE D 117 -23.93 4.56 -19.81
C ILE D 117 -24.90 3.70 -20.63
N ARG D 118 -24.35 2.85 -21.46
CA ARG D 118 -25.16 1.98 -22.29
C ARG D 118 -26.16 1.21 -21.42
N ARG D 119 -25.66 0.60 -20.34
CA ARG D 119 -26.50 -0.16 -19.43
C ARG D 119 -27.65 0.65 -18.87
N MSE D 120 -27.36 1.81 -18.29
CA MSE D 120 -28.41 2.63 -17.73
C MSE D 120 -29.41 3.04 -18.80
O MSE D 120 -30.59 3.23 -18.51
CB MSE D 120 -27.86 3.87 -17.05
CG MSE D 120 -27.53 5.01 -17.97
SE MSE D 120 -26.94 6.51 -16.93
CE MSE D 120 -25.17 5.90 -16.63
N ASN D 121 -28.94 3.18 -20.03
CA ASN D 121 -29.87 3.58 -21.07
C ASN D 121 -30.84 2.43 -21.38
N GLN D 122 -30.32 1.20 -21.40
CA GLN D 122 -31.13 0.01 -21.67
C GLN D 122 -32.29 -0.10 -20.68
N LEU D 123 -31.95 -0.05 -19.40
CA LEU D 123 -32.95 -0.14 -18.34
C LEU D 123 -33.86 1.09 -18.32
N LEU D 124 -33.30 2.26 -18.64
CA LEU D 124 -34.09 3.49 -18.65
C LEU D 124 -35.27 3.44 -19.61
N VAL D 125 -35.14 2.68 -20.68
CA VAL D 125 -36.19 2.55 -21.67
C VAL D 125 -37.22 1.51 -21.25
N SER D 126 -36.92 0.25 -21.50
CA SER D 126 -37.83 -0.84 -21.13
C SER D 126 -37.59 -1.27 -19.69
N SER E 12 -35.10 4.69 39.50
CA SER E 12 -33.70 5.20 39.68
C SER E 12 -32.98 5.28 38.33
N PHE E 13 -32.40 6.45 38.07
CA PHE E 13 -31.69 6.69 36.82
C PHE E 13 -30.56 5.69 36.65
N ILE E 14 -29.69 5.62 37.63
CA ILE E 14 -28.57 4.71 37.56
C ILE E 14 -29.00 3.28 37.27
N ASP E 15 -29.92 2.73 38.04
CA ASP E 15 -30.34 1.36 37.79
C ASP E 15 -30.86 1.22 36.36
N ARG E 16 -31.43 2.29 35.84
CA ARG E 16 -31.98 2.29 34.49
C ARG E 16 -30.86 2.23 33.45
N VAL E 17 -29.74 2.89 33.75
CA VAL E 17 -28.60 2.89 32.82
C VAL E 17 -27.97 1.50 32.88
N LYS E 18 -27.80 0.99 34.10
CA LYS E 18 -27.21 -0.33 34.32
C LYS E 18 -27.97 -1.39 33.55
N ALA E 19 -29.28 -1.26 33.54
CA ALA E 19 -30.14 -2.20 32.83
C ALA E 19 -29.86 -2.13 31.35
N LEU E 20 -29.53 -0.95 30.84
CA LEU E 20 -29.29 -0.82 29.41
C LEU E 20 -27.92 -1.31 28.97
N LEU E 21 -26.90 -1.04 29.78
CA LEU E 21 -25.54 -1.42 29.46
C LEU E 21 -25.21 -2.85 29.87
N GLY E 22 -25.58 -3.22 31.09
CA GLY E 22 -25.31 -4.57 31.55
C GLY E 22 -23.83 -4.86 31.69
N GLU E 23 -23.37 -5.94 31.08
CA GLU E 23 -21.96 -6.32 31.17
C GLU E 23 -21.03 -5.45 30.35
N ARG E 24 -21.59 -4.60 29.49
CA ARG E 24 -20.78 -3.73 28.67
C ARG E 24 -19.91 -2.87 29.55
N VAL E 25 -20.34 -2.65 30.79
CA VAL E 25 -19.58 -1.82 31.70
C VAL E 25 -19.45 -2.50 33.04
N LYS E 26 -18.42 -2.15 33.80
CA LYS E 26 -18.25 -2.79 35.08
C LYS E 26 -19.26 -2.29 36.09
N ASP E 27 -19.56 -1.00 36.03
CA ASP E 27 -20.51 -0.42 36.96
C ASP E 27 -20.86 1.00 36.54
N VAL E 28 -21.98 1.52 37.03
CA VAL E 28 -22.39 2.89 36.72
C VAL E 28 -22.57 3.65 38.02
N ARG E 29 -21.99 4.85 38.10
CA ARG E 29 -22.07 5.68 39.31
C ARG E 29 -22.17 7.18 38.99
N LEU E 30 -22.59 7.96 39.99
CA LEU E 30 -22.68 9.41 39.83
C LEU E 30 -21.48 10.07 40.50
N THR E 31 -21.00 11.19 39.95
CA THR E 31 -19.89 11.90 40.57
C THR E 31 -20.16 13.38 40.60
N HIS E 32 -19.31 14.11 41.29
CA HIS E 32 -19.44 15.54 41.41
C HIS E 32 -18.11 16.20 41.12
N ARG E 33 -17.11 15.39 40.80
CA ARG E 33 -15.80 15.94 40.50
C ARG E 33 -15.81 16.62 39.13
N LEU E 34 -16.88 16.41 38.38
CA LEU E 34 -16.97 16.99 37.05
C LEU E 34 -17.85 18.22 37.02
N THR E 35 -17.69 19.03 35.97
CA THR E 35 -18.50 20.24 35.81
C THR E 35 -19.05 20.36 34.39
N ASP E 36 -18.21 20.79 33.45
CA ASP E 36 -18.67 20.93 32.07
C ASP E 36 -18.79 19.60 31.35
N THR E 37 -18.08 18.60 31.85
CA THR E 37 -18.08 17.26 31.28
C THR E 37 -19.25 16.49 31.86
N PRO E 38 -20.11 15.92 31.01
CA PRO E 38 -21.25 15.17 31.52
C PRO E 38 -20.93 13.77 32.00
N ALA E 39 -19.93 13.13 31.40
CA ALA E 39 -19.58 11.77 31.78
C ALA E 39 -18.11 11.50 31.69
N ILE E 40 -17.67 10.49 32.43
CA ILE E 40 -16.27 10.10 32.44
C ILE E 40 -16.24 8.58 32.59
N VAL E 41 -15.14 7.97 32.19
CA VAL E 41 -15.03 6.54 32.31
C VAL E 41 -13.69 6.20 32.95
N SER E 42 -13.69 5.27 33.88
CA SER E 42 -12.42 4.92 34.55
C SER E 42 -12.23 3.42 34.70
N THR E 43 -11.06 3.07 35.21
CA THR E 43 -10.67 1.67 35.39
C THR E 43 -10.28 1.40 36.84
N ASP E 44 -10.64 0.22 37.37
CA ASP E 44 -10.28 -0.11 38.75
C ASP E 44 -8.80 -0.39 38.90
N ALA E 45 -8.29 -0.10 40.09
CA ALA E 45 -6.87 -0.25 40.42
C ALA E 45 -6.14 -1.53 40.00
N ASP E 46 -6.76 -2.67 40.25
CA ASP E 46 -6.13 -3.94 39.94
C ASP E 46 -6.58 -4.57 38.63
N GLU E 47 -7.31 -3.83 37.81
CA GLU E 47 -7.78 -4.41 36.55
C GLU E 47 -7.11 -3.76 35.35
N MSE E 48 -7.14 -4.44 34.21
CA MSE E 48 -6.54 -3.95 32.98
C MSE E 48 -6.91 -2.49 32.71
O MSE E 48 -8.08 -2.14 32.62
CB MSE E 48 -7.03 -4.78 31.81
CG MSE E 48 -6.36 -4.40 30.50
SE MSE E 48 -4.51 -4.94 30.34
CE MSE E 48 -4.66 -6.67 30.98
N SER E 49 -5.88 -1.63 32.59
CA SER E 49 -6.11 -0.21 32.35
C SER E 49 -6.06 0.12 30.87
N THR E 50 -6.63 1.27 30.50
CA THR E 50 -6.65 1.72 29.11
C THR E 50 -5.24 1.74 28.53
N GLN E 51 -4.33 2.38 29.26
CA GLN E 51 -2.94 2.49 28.84
C GLN E 51 -2.30 1.11 28.70
N MSE E 52 -2.42 0.30 29.74
CA MSE E 52 -1.87 -1.05 29.70
C MSE E 52 -2.38 -1.80 28.46
O MSE E 52 -1.61 -2.47 27.80
CB MSE E 52 -2.28 -1.77 30.97
CG MSE E 52 -1.81 -3.19 31.00
SE MSE E 52 -0.03 -3.37 31.73
CE MSE E 52 -0.50 -3.27 33.58
N ALA E 53 -3.67 -1.66 28.15
CA ALA E 53 -4.24 -2.31 26.97
C ALA E 53 -3.55 -1.87 25.67
N LYS E 54 -3.21 -0.60 25.57
CA LYS E 54 -2.55 -0.11 24.36
C LYS E 54 -1.18 -0.75 24.21
N LEU E 55 -0.49 -0.94 25.33
CA LEU E 55 0.83 -1.57 25.28
C LEU E 55 0.76 -2.92 24.60
N PHE E 56 -0.25 -3.73 24.91
CA PHE E 56 -0.30 -5.02 24.25
C PHE E 56 -0.28 -4.86 22.77
N ALA E 57 -1.06 -3.90 22.28
CA ALA E 57 -1.13 -3.60 20.85
C ALA E 57 0.25 -3.21 20.35
N ALA E 58 0.90 -2.32 21.08
CA ALA E 58 2.23 -1.88 20.69
C ALA E 58 3.20 -3.06 20.61
N ALA E 59 2.99 -4.07 21.47
CA ALA E 59 3.85 -5.25 21.47
C ALA E 59 3.39 -6.25 20.39
N GLY E 60 2.46 -5.79 19.55
CA GLY E 60 1.96 -6.64 18.47
C GLY E 60 1.01 -7.74 18.91
N GLN E 61 0.46 -7.60 20.11
CA GLN E 61 -0.48 -8.58 20.65
C GLN E 61 -1.90 -8.05 20.57
N LYS E 62 -2.87 -8.96 20.57
CA LYS E 62 -4.27 -8.58 20.53
C LYS E 62 -4.60 -7.82 21.81
N VAL E 63 -5.39 -6.76 21.73
CA VAL E 63 -5.68 -6.00 22.95
C VAL E 63 -6.65 -6.68 23.92
N PRO E 64 -6.21 -6.88 25.16
CA PRO E 64 -7.11 -7.54 26.13
C PRO E 64 -8.35 -6.71 26.53
N GLU E 65 -9.37 -7.38 27.04
CA GLU E 65 -10.60 -6.72 27.44
C GLU E 65 -10.42 -5.72 28.57
N VAL E 66 -11.11 -4.59 28.45
CA VAL E 66 -11.07 -3.54 29.46
C VAL E 66 -12.51 -3.31 29.93
N LYS E 67 -12.71 -3.26 31.24
CA LYS E 67 -14.04 -3.02 31.75
C LYS E 67 -14.04 -1.72 32.51
N TYR E 68 -14.62 -0.70 31.88
CA TYR E 68 -14.66 0.62 32.48
C TYR E 68 -15.79 0.78 33.48
N ILE E 69 -15.63 1.79 34.32
CA ILE E 69 -16.63 2.18 35.29
C ILE E 69 -17.19 3.45 34.64
N PHE E 70 -18.48 3.43 34.31
CA PHE E 70 -19.14 4.57 33.69
C PHE E 70 -19.68 5.51 34.77
N GLU E 71 -19.15 6.73 34.83
CA GLU E 71 -19.61 7.72 35.82
C GLU E 71 -20.28 8.91 35.14
N LEU E 72 -21.38 9.38 35.73
CA LEU E 72 -22.14 10.51 35.18
C LEU E 72 -22.24 11.70 36.14
N ASN E 73 -22.35 12.89 35.56
CA ASN E 73 -22.47 14.14 36.31
C ASN E 73 -23.96 14.53 36.42
N PRO E 74 -24.56 14.40 37.63
CA PRO E 74 -25.95 14.71 37.95
C PRO E 74 -26.42 16.14 37.65
N ASP E 75 -25.53 17.10 37.88
CA ASP E 75 -25.87 18.50 37.67
C ASP E 75 -25.61 18.96 36.24
N HIS E 76 -25.45 18.03 35.32
CA HIS E 76 -25.20 18.46 33.96
C HIS E 76 -26.48 18.42 33.15
N VAL E 77 -26.71 19.46 32.36
CA VAL E 77 -27.91 19.56 31.56
C VAL E 77 -28.26 18.29 30.80
N LEU E 78 -27.28 17.81 30.04
CA LEU E 78 -27.43 16.61 29.23
C LEU E 78 -27.75 15.36 30.04
N VAL E 79 -27.11 15.22 31.19
CA VAL E 79 -27.41 14.07 32.04
C VAL E 79 -28.85 14.17 32.52
N LYS E 80 -29.24 15.36 33.00
CA LYS E 80 -30.60 15.57 33.49
C LYS E 80 -31.60 15.27 32.38
N ARG E 81 -31.30 15.77 31.19
CA ARG E 81 -32.15 15.56 30.05
C ARG E 81 -32.26 14.07 29.74
N ALA E 82 -31.19 13.30 30.00
CA ALA E 82 -31.26 11.86 29.71
C ALA E 82 -32.12 11.15 30.75
N ALA E 83 -32.04 11.61 32.00
CA ALA E 83 -32.85 11.01 33.07
C ALA E 83 -34.32 11.35 32.89
N ASP E 84 -34.61 12.60 32.54
CA ASP E 84 -35.99 13.04 32.35
C ASP E 84 -36.69 12.45 31.13
N THR E 85 -35.99 12.36 30.01
CA THR E 85 -36.60 11.80 28.80
C THR E 85 -37.31 10.48 29.13
N GLU E 86 -38.60 10.43 28.83
CA GLU E 86 -39.43 9.25 29.12
C GLU E 86 -39.37 8.21 28.02
N ASP E 87 -39.05 8.66 26.82
CA ASP E 87 -38.97 7.76 25.68
C ASP E 87 -37.79 6.81 25.84
N GLU E 88 -38.08 5.52 26.00
CA GLU E 88 -37.02 4.54 26.19
C GLU E 88 -35.98 4.53 25.07
N ALA E 89 -36.42 4.72 23.84
CA ALA E 89 -35.50 4.71 22.71
C ALA E 89 -34.58 5.91 22.78
N LYS E 90 -35.16 7.07 23.08
CA LYS E 90 -34.38 8.29 23.18
C LYS E 90 -33.39 8.13 24.32
N PHE E 91 -33.88 7.65 25.45
CA PHE E 91 -33.03 7.43 26.61
C PHE E 91 -31.76 6.70 26.19
N SER E 92 -31.93 5.63 25.43
CA SER E 92 -30.79 4.85 24.97
C SER E 92 -29.86 5.72 24.15
N GLU E 93 -30.40 6.51 23.23
CA GLU E 93 -29.57 7.38 22.41
C GLU E 93 -28.69 8.29 23.26
N TRP E 94 -29.25 8.90 24.31
CA TRP E 94 -28.47 9.79 25.16
C TRP E 94 -27.39 9.04 25.92
N VAL E 95 -27.71 7.83 26.39
CA VAL E 95 -26.70 7.07 27.13
C VAL E 95 -25.57 6.64 26.21
N GLU E 96 -25.92 6.08 25.05
CA GLU E 96 -24.92 5.66 24.09
C GLU E 96 -24.03 6.83 23.71
N LEU E 97 -24.61 8.03 23.65
CA LEU E 97 -23.82 9.18 23.28
C LEU E 97 -22.86 9.57 24.39
N LEU E 98 -23.38 9.64 25.60
CA LEU E 98 -22.53 10.02 26.72
C LEU E 98 -21.41 9.02 26.94
N LEU E 99 -21.72 7.73 26.78
CA LEU E 99 -20.71 6.69 26.94
C LEU E 99 -19.60 6.87 25.90
N ASP E 100 -19.98 7.06 24.64
CA ASP E 100 -18.99 7.28 23.61
C ASP E 100 -18.11 8.51 23.90
N GLN E 101 -18.68 9.58 24.44
CA GLN E 101 -17.87 10.77 24.74
C GLN E 101 -16.81 10.39 25.76
N ALA E 102 -17.22 9.61 26.75
CA ALA E 102 -16.28 9.19 27.78
C ALA E 102 -15.21 8.26 27.18
N LEU E 103 -15.64 7.30 26.37
CA LEU E 103 -14.69 6.38 25.76
C LEU E 103 -13.71 7.08 24.83
N LEU E 104 -14.16 8.13 24.14
CA LEU E 104 -13.31 8.89 23.23
C LEU E 104 -12.36 9.76 24.05
N ALA E 105 -12.86 10.36 25.12
CA ALA E 105 -11.98 11.17 25.94
C ALA E 105 -10.93 10.26 26.57
N GLU E 106 -11.29 9.00 26.83
CA GLU E 106 -10.38 8.05 27.46
C GLU E 106 -9.39 7.34 26.53
N ARG E 107 -9.89 6.74 25.46
CA ARG E 107 -9.01 6.03 24.55
C ARG E 107 -8.60 6.90 23.37
N GLY E 108 -9.23 8.06 23.24
CA GLY E 108 -8.91 8.93 22.12
C GLY E 108 -9.30 8.25 20.83
N THR E 109 -10.13 7.20 20.93
CA THR E 109 -10.55 6.49 19.74
C THR E 109 -11.83 5.69 20.05
N LEU E 110 -12.62 5.35 19.03
CA LEU E 110 -13.84 4.58 19.26
C LEU E 110 -13.89 3.39 18.33
N GLU E 111 -14.61 2.36 18.74
CA GLU E 111 -14.71 1.19 17.91
C GLU E 111 -15.44 1.55 16.62
N ASP E 112 -16.45 2.42 16.72
CA ASP E 112 -17.24 2.80 15.56
C ASP E 112 -17.47 4.31 15.56
N PRO E 113 -16.48 5.08 15.12
CA PRO E 113 -16.58 6.54 15.08
C PRO E 113 -17.79 7.00 14.29
N ASN E 114 -18.01 6.41 13.14
CA ASN E 114 -19.13 6.83 12.32
C ASN E 114 -20.46 6.69 13.01
N LEU E 115 -20.60 5.66 13.82
CA LEU E 115 -21.84 5.47 14.52
C LEU E 115 -22.04 6.64 15.48
N PHE E 116 -20.99 6.97 16.21
CA PHE E 116 -21.02 8.07 17.15
C PHE E 116 -21.46 9.37 16.46
N ILE E 117 -20.86 9.67 15.31
CA ILE E 117 -21.19 10.88 14.56
C ILE E 117 -22.63 10.87 14.06
N ARG E 118 -23.08 9.74 13.53
CA ARG E 118 -24.44 9.62 13.05
C ARG E 118 -25.40 9.75 14.23
N ARG E 119 -24.96 9.33 15.41
CA ARG E 119 -25.79 9.38 16.60
C ARG E 119 -25.95 10.80 17.12
N MSE E 120 -24.85 11.54 17.14
CA MSE E 120 -24.90 12.91 17.61
C MSE E 120 -25.66 13.79 16.64
O MSE E 120 -26.44 14.65 17.04
CB MSE E 120 -23.51 13.49 17.80
CG MSE E 120 -22.74 13.83 16.56
SE MSE E 120 -21.15 14.75 17.08
CE MSE E 120 -21.79 16.41 17.01
N ASN E 121 -25.42 13.57 15.34
CA ASN E 121 -26.12 14.37 14.34
C ASN E 121 -27.63 14.15 14.46
N GLN E 122 -28.06 12.94 14.85
CA GLN E 122 -29.49 12.70 14.95
C GLN E 122 -30.13 13.53 16.05
N LEU E 123 -29.44 13.63 17.19
CA LEU E 123 -29.95 14.39 18.32
C LEU E 123 -29.87 15.90 18.09
N LEU E 124 -29.10 16.32 17.08
CA LEU E 124 -28.96 17.73 16.77
C LEU E 124 -30.13 18.17 15.90
N VAL E 125 -30.76 17.21 15.26
CA VAL E 125 -31.89 17.48 14.37
C VAL E 125 -33.20 17.31 15.13
N SER E 126 -33.17 16.43 16.13
CA SER E 126 -34.34 16.16 16.94
C SER E 126 -33.97 15.19 18.06
N SER F 12 -38.27 25.01 -30.65
CA SER F 12 -38.69 23.59 -30.51
C SER F 12 -37.96 22.96 -29.31
N PHE F 13 -37.20 21.90 -29.59
CA PHE F 13 -36.46 21.18 -28.56
C PHE F 13 -35.14 21.86 -28.21
N ILE F 14 -34.27 22.01 -29.22
CA ILE F 14 -32.98 22.65 -29.00
C ILE F 14 -33.14 24.03 -28.43
N ASP F 15 -34.09 24.78 -28.98
CA ASP F 15 -34.35 26.14 -28.52
C ASP F 15 -34.95 26.09 -27.13
N ARG F 16 -35.05 24.89 -26.57
CA ARG F 16 -35.61 24.67 -25.24
C ARG F 16 -34.53 24.21 -24.30
N VAL F 17 -33.57 23.47 -24.85
CA VAL F 17 -32.45 22.93 -24.09
C VAL F 17 -31.41 24.01 -23.84
N LYS F 18 -31.10 24.78 -24.88
CA LYS F 18 -30.11 25.84 -24.76
C LYS F 18 -30.41 26.76 -23.58
N ALA F 19 -31.66 27.20 -23.48
CA ALA F 19 -32.09 28.09 -22.41
C ALA F 19 -31.84 27.43 -21.06
N LEU F 20 -32.22 26.17 -20.97
CA LEU F 20 -32.04 25.41 -19.74
C LEU F 20 -30.58 25.44 -19.28
N LEU F 21 -29.70 24.93 -20.14
CA LEU F 21 -28.26 24.86 -19.83
C LEU F 21 -27.60 26.25 -19.77
N GLY F 22 -28.12 27.18 -20.54
CA GLY F 22 -27.57 28.52 -20.53
C GLY F 22 -26.17 28.62 -21.10
N GLU F 23 -25.25 29.16 -20.30
CA GLU F 23 -23.88 29.33 -20.74
C GLU F 23 -22.99 28.12 -20.39
N ARG F 24 -23.54 27.19 -19.61
CA ARG F 24 -22.80 25.99 -19.22
C ARG F 24 -22.23 25.26 -20.44
N VAL F 25 -22.90 25.43 -21.58
CA VAL F 25 -22.46 24.80 -22.83
C VAL F 25 -22.25 25.91 -23.85
N LYS F 26 -21.34 25.71 -24.79
CA LYS F 26 -21.08 26.72 -25.81
C LYS F 26 -22.19 26.77 -26.84
N ASP F 27 -22.79 25.62 -27.12
CA ASP F 27 -23.87 25.55 -28.09
C ASP F 27 -24.57 24.21 -28.03
N VAL F 28 -25.76 24.11 -28.61
CA VAL F 28 -26.52 22.87 -28.62
C VAL F 28 -26.98 22.58 -30.05
N ARG F 29 -26.54 21.46 -30.60
CA ARG F 29 -26.88 21.09 -31.96
C ARG F 29 -27.41 19.66 -32.02
N LEU F 30 -28.12 19.33 -33.09
CA LEU F 30 -28.61 17.97 -33.27
C LEU F 30 -27.60 17.26 -34.16
N THR F 31 -27.25 16.03 -33.84
CA THR F 31 -26.30 15.29 -34.67
C THR F 31 -26.97 14.06 -35.27
N HIS F 32 -26.45 13.60 -36.41
CA HIS F 32 -27.02 12.43 -37.09
C HIS F 32 -26.03 11.28 -37.12
N ARG F 33 -24.83 11.55 -36.62
CA ARG F 33 -23.77 10.55 -36.61
C ARG F 33 -23.69 9.74 -35.33
N LEU F 34 -24.84 9.58 -34.68
CA LEU F 34 -24.99 8.82 -33.45
C LEU F 34 -26.04 7.74 -33.67
N THR F 35 -25.89 6.63 -32.97
CA THR F 35 -26.84 5.53 -33.09
C THR F 35 -27.49 5.24 -31.75
N ASP F 36 -26.81 4.44 -30.94
CA ASP F 36 -27.34 4.08 -29.62
C ASP F 36 -27.02 5.13 -28.56
N THR F 37 -26.09 6.02 -28.87
CA THR F 37 -25.72 7.05 -27.93
C THR F 37 -26.65 8.26 -28.04
N PRO F 38 -27.49 8.49 -27.02
CA PRO F 38 -28.43 9.61 -27.04
C PRO F 38 -27.83 11.00 -27.10
N ALA F 39 -26.67 11.18 -26.50
CA ALA F 39 -26.04 12.50 -26.51
C ALA F 39 -24.54 12.39 -26.57
N ILE F 40 -23.90 13.47 -27.00
CA ILE F 40 -22.46 13.49 -27.10
C ILE F 40 -22.02 14.92 -26.93
N VAL F 41 -20.72 15.13 -26.69
CA VAL F 41 -20.22 16.47 -26.49
C VAL F 41 -18.97 16.63 -27.37
N SER F 42 -18.63 17.86 -27.70
CA SER F 42 -17.46 18.09 -28.54
C SER F 42 -16.96 19.52 -28.47
N THR F 43 -15.87 19.80 -29.17
CA THR F 43 -15.31 21.15 -29.17
C THR F 43 -15.03 21.63 -30.59
N ASP F 44 -15.03 22.94 -30.80
CA ASP F 44 -14.77 23.45 -32.14
C ASP F 44 -13.30 23.31 -32.52
N ALA F 45 -13.06 23.09 -33.80
CA ALA F 45 -11.72 22.91 -34.32
C ALA F 45 -10.76 24.04 -33.97
N ASP F 46 -11.25 25.14 -33.43
CA ASP F 46 -10.38 26.25 -33.09
C ASP F 46 -10.23 26.49 -31.60
N GLU F 47 -11.17 25.96 -30.82
CA GLU F 47 -11.14 26.14 -29.38
C GLU F 47 -10.41 25.05 -28.61
N MSE F 48 -10.30 25.25 -27.30
CA MSE F 48 -9.63 24.33 -26.38
C MSE F 48 -10.31 22.96 -26.36
O MSE F 48 -11.52 22.87 -26.14
CB MSE F 48 -9.65 24.92 -24.98
CG MSE F 48 -9.07 24.03 -23.92
SE MSE F 48 -7.15 24.16 -23.97
CE MSE F 48 -7.01 26.01 -23.63
N SER F 49 -9.54 21.90 -26.57
CA SER F 49 -10.11 20.55 -26.56
C SER F 49 -9.90 19.86 -25.21
N THR F 50 -10.65 18.80 -24.98
CA THR F 50 -10.53 18.06 -23.73
C THR F 50 -9.10 17.55 -23.57
N GLN F 51 -8.58 16.99 -24.63
CA GLN F 51 -7.24 16.45 -24.63
C GLN F 51 -6.20 17.54 -24.34
N MSE F 52 -6.26 18.64 -25.09
CA MSE F 52 -5.31 19.74 -24.89
C MSE F 52 -5.32 20.21 -23.44
O MSE F 52 -4.30 20.60 -22.89
CB MSE F 52 -5.63 20.90 -25.82
CG MSE F 52 -5.40 20.60 -27.32
SE MSE F 52 -6.17 21.90 -28.58
CE MSE F 52 -6.05 23.48 -27.46
N ALA F 53 -6.50 20.16 -22.82
CA ALA F 53 -6.63 20.60 -21.43
C ALA F 53 -5.91 19.65 -20.47
N LYS F 54 -5.89 18.36 -20.79
CA LYS F 54 -5.19 17.41 -19.92
C LYS F 54 -3.71 17.72 -19.87
N LEU F 55 -3.13 18.11 -21.02
CA LEU F 55 -1.71 18.42 -21.03
C LEU F 55 -1.41 19.55 -20.06
N PHE F 56 -2.12 20.66 -20.19
CA PHE F 56 -1.90 21.80 -19.29
C PHE F 56 -1.84 21.37 -17.85
N ALA F 57 -2.81 20.55 -17.45
CA ALA F 57 -2.84 20.06 -16.08
C ALA F 57 -1.55 19.31 -15.79
N ALA F 58 -1.13 18.43 -16.69
CA ALA F 58 0.09 17.67 -16.50
C ALA F 58 1.32 18.55 -16.36
N ALA F 59 1.25 19.76 -16.90
CA ALA F 59 2.35 20.70 -16.84
C ALA F 59 2.27 21.56 -15.59
N GLY F 60 1.27 21.30 -14.75
CA GLY F 60 1.08 22.03 -13.51
C GLY F 60 0.57 23.45 -13.69
N GLN F 61 -0.01 23.73 -14.84
CA GLN F 61 -0.54 25.06 -15.08
C GLN F 61 -2.00 25.12 -14.75
N LYS F 62 -2.56 26.32 -14.74
CA LYS F 62 -3.97 26.50 -14.44
C LYS F 62 -4.78 26.26 -15.72
N VAL F 63 -5.19 25.01 -15.88
CA VAL F 63 -5.98 24.59 -17.04
C VAL F 63 -7.21 25.49 -17.23
N PRO F 64 -7.26 26.21 -18.36
CA PRO F 64 -8.40 27.10 -18.65
C PRO F 64 -9.70 26.31 -18.74
N GLU F 65 -10.83 27.00 -18.77
CA GLU F 65 -12.11 26.30 -18.84
C GLU F 65 -12.29 25.64 -20.21
N VAL F 66 -13.25 24.73 -20.32
CA VAL F 66 -13.50 24.05 -21.58
C VAL F 66 -14.99 24.04 -21.92
N LYS F 67 -15.42 24.96 -22.77
CA LYS F 67 -16.83 25.00 -23.14
C LYS F 67 -17.14 24.07 -24.30
N TYR F 68 -17.99 23.08 -24.04
CA TYR F 68 -18.37 22.09 -25.03
C TYR F 68 -19.56 22.48 -25.90
N ILE F 69 -19.90 21.56 -26.81
CA ILE F 69 -21.01 21.75 -27.71
C ILE F 69 -21.86 20.51 -27.50
N PHE F 70 -22.95 20.66 -26.76
CA PHE F 70 -23.83 19.54 -26.47
C PHE F 70 -24.58 19.14 -27.74
N GLU F 71 -24.42 17.87 -28.14
CA GLU F 71 -25.07 17.34 -29.33
C GLU F 71 -26.01 16.18 -29.00
N LEU F 72 -27.25 16.28 -29.46
CA LEU F 72 -28.23 15.25 -29.19
C LEU F 72 -28.69 14.45 -30.40
N ASN F 73 -28.95 13.17 -30.18
CA ASN F 73 -29.40 12.25 -31.21
C ASN F 73 -30.94 12.28 -31.27
N PRO F 74 -31.49 12.99 -32.25
CA PRO F 74 -32.95 13.11 -32.42
C PRO F 74 -33.69 11.80 -32.64
N ASP F 75 -32.99 10.75 -33.06
CA ASP F 75 -33.66 9.48 -33.31
C ASP F 75 -33.62 8.53 -32.13
N HIS F 76 -33.05 8.97 -31.01
CA HIS F 76 -32.93 8.11 -29.83
C HIS F 76 -34.10 8.23 -28.86
N VAL F 77 -34.69 7.08 -28.54
CA VAL F 77 -35.83 7.04 -27.64
C VAL F 77 -35.71 8.03 -26.49
N LEU F 78 -34.64 7.92 -25.71
CA LEU F 78 -34.44 8.81 -24.58
C LEU F 78 -34.47 10.29 -24.94
N VAL F 79 -33.94 10.64 -26.10
CA VAL F 79 -33.93 12.04 -26.51
C VAL F 79 -35.35 12.48 -26.86
N LYS F 80 -36.06 11.61 -27.57
CA LYS F 80 -37.44 11.89 -27.96
C LYS F 80 -38.28 12.00 -26.69
N ARG F 81 -38.14 11.02 -25.82
CA ARG F 81 -38.87 11.01 -24.57
C ARG F 81 -38.62 12.32 -23.80
N ALA F 82 -37.46 12.93 -24.03
CA ALA F 82 -37.13 14.17 -23.33
C ALA F 82 -37.77 15.38 -24.00
N ALA F 83 -38.31 15.18 -25.19
CA ALA F 83 -38.94 16.25 -25.93
C ALA F 83 -40.42 16.38 -25.61
N ASP F 84 -41.11 15.24 -25.54
CA ASP F 84 -42.54 15.21 -25.24
C ASP F 84 -42.80 15.53 -23.77
N THR F 85 -41.74 15.65 -22.99
CA THR F 85 -41.85 15.96 -21.57
C THR F 85 -42.11 17.46 -21.41
N GLU F 86 -43.38 17.85 -21.44
CA GLU F 86 -43.75 19.26 -21.31
C GLU F 86 -43.52 19.81 -19.91
N ASP F 87 -43.19 18.94 -18.97
CA ASP F 87 -42.94 19.35 -17.59
C ASP F 87 -41.54 19.92 -17.44
N GLU F 88 -41.42 20.99 -16.65
CA GLU F 88 -40.13 21.66 -16.44
C GLU F 88 -39.10 20.81 -15.70
N ALA F 89 -39.41 20.45 -14.46
CA ALA F 89 -38.52 19.64 -13.66
C ALA F 89 -38.09 18.39 -14.40
N LYS F 90 -39.07 17.58 -14.82
CA LYS F 90 -38.79 16.34 -15.53
C LYS F 90 -37.89 16.54 -16.73
N PHE F 91 -38.05 17.68 -17.40
CA PHE F 91 -37.24 18.00 -18.56
C PHE F 91 -35.81 18.26 -18.08
N SER F 92 -35.65 19.17 -17.12
CA SER F 92 -34.34 19.51 -16.57
C SER F 92 -33.60 18.25 -16.10
N GLU F 93 -34.36 17.22 -15.74
CA GLU F 93 -33.75 16.00 -15.28
C GLU F 93 -33.10 15.23 -16.43
N TRP F 94 -33.84 15.06 -17.52
CA TRP F 94 -33.30 14.33 -18.67
C TRP F 94 -32.09 15.02 -19.28
N VAL F 95 -32.11 16.34 -19.32
CA VAL F 95 -30.99 17.05 -19.90
C VAL F 95 -29.75 16.82 -19.05
N GLU F 96 -29.88 17.01 -17.75
CA GLU F 96 -28.77 16.83 -16.84
C GLU F 96 -28.20 15.42 -16.94
N LEU F 97 -29.08 14.44 -17.09
CA LEU F 97 -28.65 13.06 -17.21
C LEU F 97 -27.86 12.88 -18.51
N LEU F 98 -28.43 13.32 -19.63
CA LEU F 98 -27.79 13.18 -20.92
C LEU F 98 -26.51 14.00 -20.98
N LEU F 99 -26.55 15.22 -20.45
CA LEU F 99 -25.37 16.05 -20.44
C LEU F 99 -24.23 15.39 -19.67
N ASP F 100 -24.54 14.83 -18.50
CA ASP F 100 -23.53 14.15 -17.71
C ASP F 100 -23.07 12.89 -18.44
N GLN F 101 -23.99 12.16 -19.05
CA GLN F 101 -23.61 10.96 -19.80
C GLN F 101 -22.56 11.32 -20.83
N ALA F 102 -22.81 12.41 -21.57
CA ALA F 102 -21.88 12.86 -22.58
C ALA F 102 -20.57 13.32 -21.97
N LEU F 103 -20.65 13.99 -20.82
CA LEU F 103 -19.45 14.46 -20.16
C LEU F 103 -18.64 13.30 -19.62
N LEU F 104 -19.32 12.31 -19.06
CA LEU F 104 -18.63 11.15 -18.53
C LEU F 104 -17.93 10.42 -19.66
N ALA F 105 -18.64 10.21 -20.77
CA ALA F 105 -18.04 9.52 -21.89
C ALA F 105 -16.82 10.27 -22.46
N GLU F 106 -16.88 11.59 -22.40
CA GLU F 106 -15.83 12.45 -22.90
C GLU F 106 -14.64 12.64 -21.97
N ARG F 107 -14.91 12.87 -20.70
CA ARG F 107 -13.85 13.10 -19.74
C ARG F 107 -13.47 11.89 -18.93
N GLY F 108 -14.38 10.93 -18.83
CA GLY F 108 -14.09 9.74 -18.06
C GLY F 108 -14.31 10.00 -16.58
N THR F 109 -14.72 11.22 -16.26
CA THR F 109 -14.97 11.61 -14.86
C THR F 109 -15.96 12.75 -14.80
N LEU F 110 -16.58 12.91 -13.64
CA LEU F 110 -17.54 13.97 -13.40
C LEU F 110 -17.14 14.72 -12.15
N GLU F 111 -17.43 16.02 -12.12
CA GLU F 111 -17.07 16.81 -10.97
C GLU F 111 -17.99 16.50 -9.77
N ASP F 112 -19.03 15.71 -10.00
CA ASP F 112 -19.96 15.35 -8.93
C ASP F 112 -20.65 14.03 -9.31
N PRO F 113 -19.89 12.93 -9.29
CA PRO F 113 -20.45 11.62 -9.65
C PRO F 113 -21.74 11.26 -8.91
N ASN F 114 -21.73 11.40 -7.59
CA ASN F 114 -22.89 11.05 -6.79
C ASN F 114 -24.18 11.74 -7.22
N LEU F 115 -24.08 13.00 -7.64
CA LEU F 115 -25.24 13.74 -8.10
C LEU F 115 -25.79 13.06 -9.34
N PHE F 116 -24.88 12.74 -10.27
CA PHE F 116 -25.24 12.06 -11.51
C PHE F 116 -25.87 10.71 -11.20
N ILE F 117 -25.36 10.03 -10.17
CA ILE F 117 -25.88 8.71 -9.80
C ILE F 117 -27.31 8.82 -9.28
N ARG F 118 -27.55 9.80 -8.42
CA ARG F 118 -28.87 10.01 -7.86
C ARG F 118 -29.89 10.27 -8.95
N ARG F 119 -29.48 11.04 -9.95
CA ARG F 119 -30.38 11.34 -11.05
C ARG F 119 -30.79 10.11 -11.83
N MSE F 120 -29.86 9.25 -12.22
CA MSE F 120 -30.29 8.11 -13.00
C MSE F 120 -31.19 7.22 -12.17
O MSE F 120 -32.17 6.66 -12.68
CB MSE F 120 -29.11 7.32 -13.58
CG MSE F 120 -28.37 6.46 -12.57
SE MSE F 120 -27.08 5.28 -13.40
CE MSE F 120 -25.63 6.56 -13.49
N ASN F 121 -30.88 7.10 -10.90
CA ASN F 121 -31.70 6.25 -10.02
C ASN F 121 -33.15 6.71 -10.02
N GLN F 122 -33.37 8.02 -9.85
CA GLN F 122 -34.71 8.57 -9.85
C GLN F 122 -35.41 8.25 -11.17
N LEU F 123 -34.81 8.70 -12.27
CA LEU F 123 -35.38 8.44 -13.59
C LEU F 123 -35.61 6.95 -13.82
N LEU F 124 -34.91 6.11 -13.06
CA LEU F 124 -35.06 4.67 -13.21
C LEU F 124 -36.31 4.16 -12.48
N VAL F 125 -36.58 4.78 -11.35
CA VAL F 125 -37.74 4.42 -10.53
C VAL F 125 -39.01 4.74 -11.30
N SER F 126 -39.44 6.00 -11.19
CA SER F 126 -40.65 6.46 -11.87
C SER F 126 -40.61 6.14 -13.37
N HIS G 6 7.06 -48.23 32.14
CA HIS G 6 8.36 -48.69 31.58
C HIS G 6 9.13 -47.48 31.03
N HIS G 7 8.96 -46.34 31.69
CA HIS G 7 9.60 -45.09 31.26
C HIS G 7 10.71 -44.59 32.18
N HIS G 8 11.46 -45.48 32.79
CA HIS G 8 12.55 -45.06 33.67
C HIS G 8 13.71 -44.61 32.80
N HIS G 9 13.92 -43.32 32.63
CA HIS G 9 15.00 -42.85 31.79
C HIS G 9 16.29 -42.68 32.60
N HIS G 10 17.36 -43.36 32.17
CA HIS G 10 18.65 -43.29 32.87
C HIS G 10 19.75 -42.57 32.06
N GLY G 11 20.87 -42.29 32.72
CA GLY G 11 22.00 -41.61 32.09
C GLY G 11 22.39 -40.30 32.77
N SER G 12 23.38 -39.62 32.18
CA SER G 12 23.88 -38.32 32.67
C SER G 12 23.71 -37.28 31.56
N PHE G 13 22.78 -37.56 30.66
CA PHE G 13 22.48 -36.69 29.54
C PHE G 13 22.28 -35.24 30.01
N ILE G 14 21.46 -35.05 31.04
CA ILE G 14 21.20 -33.70 31.52
C ILE G 14 22.48 -32.95 31.88
N ASP G 15 23.36 -33.59 32.65
CA ASP G 15 24.60 -32.93 33.04
C ASP G 15 25.43 -32.52 31.85
N ARG G 16 25.44 -33.39 30.85
CA ARG G 16 26.20 -33.18 29.62
C ARG G 16 25.68 -31.93 28.91
N VAL G 17 24.37 -31.85 28.74
CA VAL G 17 23.73 -30.71 28.08
C VAL G 17 23.96 -29.43 28.90
N LYS G 18 23.84 -29.53 30.21
CA LYS G 18 24.03 -28.34 31.02
C LYS G 18 25.44 -27.78 30.76
N ALA G 19 26.43 -28.66 30.87
CA ALA G 19 27.83 -28.32 30.66
C ALA G 19 28.02 -27.55 29.37
N LEU G 20 27.45 -28.12 28.32
CA LEU G 20 27.52 -27.56 26.98
C LEU G 20 26.85 -26.19 26.82
N LEU G 21 25.63 -26.04 27.33
CA LEU G 21 24.90 -24.77 27.19
C LEU G 21 25.36 -23.69 28.16
N GLY G 22 25.83 -24.09 29.32
CA GLY G 22 26.26 -23.09 30.27
C GLY G 22 25.11 -22.23 30.75
N GLU G 23 25.32 -20.92 30.76
CA GLU G 23 24.28 -20.02 31.23
C GLU G 23 23.38 -19.46 30.14
N ARG G 24 23.47 -20.08 28.97
CA ARG G 24 22.62 -19.66 27.86
C ARG G 24 21.22 -20.10 28.26
N VAL G 25 21.13 -20.98 29.26
CA VAL G 25 19.85 -21.47 29.72
C VAL G 25 19.77 -21.39 31.23
N LYS G 26 18.58 -21.21 31.78
CA LYS G 26 18.45 -21.13 33.22
C LYS G 26 18.52 -22.52 33.83
N ASP G 27 18.19 -23.55 33.04
CA ASP G 27 18.24 -24.91 33.56
C ASP G 27 17.79 -25.91 32.47
N VAL G 28 18.17 -27.18 32.64
CA VAL G 28 17.80 -28.21 31.68
C VAL G 28 17.04 -29.29 32.44
N ARG G 29 15.99 -29.82 31.84
CA ARG G 29 15.21 -30.85 32.51
C ARG G 29 14.72 -31.82 31.48
N LEU G 30 14.31 -33.00 31.91
CA LEU G 30 13.77 -33.98 31.00
C LEU G 30 12.33 -34.11 31.40
N THR G 31 11.41 -33.68 30.54
CA THR G 31 9.99 -33.82 30.84
C THR G 31 9.26 -34.34 29.61
N HIS G 32 8.25 -35.17 29.80
CA HIS G 32 7.51 -35.70 28.67
C HIS G 32 6.58 -34.65 28.08
N ARG G 33 6.14 -34.89 26.85
CA ARG G 33 5.27 -33.96 26.16
C ARG G 33 4.02 -34.67 25.66
N LEU G 34 2.98 -33.91 25.32
CA LEU G 34 1.78 -34.54 24.80
C LEU G 34 1.84 -34.57 23.27
N THR G 35 2.94 -34.08 22.73
CA THR G 35 3.13 -34.04 21.29
C THR G 35 4.40 -34.79 20.92
N ASP G 36 4.77 -34.72 19.64
CA ASP G 36 5.98 -35.37 19.14
C ASP G 36 7.10 -34.36 19.06
N THR G 37 7.08 -33.41 19.97
CA THR G 37 8.06 -32.36 20.01
C THR G 37 9.29 -32.76 20.81
N PRO G 38 10.47 -32.76 20.17
CA PRO G 38 11.69 -33.13 20.89
C PRO G 38 12.02 -32.23 22.06
N ALA G 39 11.71 -30.94 21.97
CA ALA G 39 12.03 -30.08 23.10
C ALA G 39 11.27 -28.76 23.11
N ILE G 40 11.08 -28.20 24.29
CA ILE G 40 10.41 -26.93 24.38
C ILE G 40 11.19 -26.08 25.33
N VAL G 41 10.78 -24.84 25.44
CA VAL G 41 11.47 -23.92 26.30
C VAL G 41 10.38 -23.30 27.16
N SER G 42 10.71 -22.93 28.39
CA SER G 42 9.69 -22.40 29.29
C SER G 42 10.22 -21.45 30.33
N THR G 43 9.34 -20.95 31.18
CA THR G 43 9.74 -20.04 32.24
C THR G 43 8.93 -20.45 33.46
N ASP G 44 9.56 -20.43 34.63
CA ASP G 44 8.86 -20.79 35.85
C ASP G 44 8.10 -19.58 36.38
N ALA G 45 7.28 -19.80 37.40
CA ALA G 45 6.49 -18.74 38.00
C ALA G 45 7.39 -17.58 38.44
N ASP G 46 6.79 -16.39 38.56
CA ASP G 46 7.51 -15.22 39.00
C ASP G 46 8.76 -14.98 38.15
N GLU G 47 8.66 -15.42 36.90
CA GLU G 47 9.75 -15.27 35.95
C GLU G 47 9.26 -14.60 34.68
N MSE G 48 10.01 -13.61 34.23
CA MSE G 48 9.67 -12.89 33.01
C MSE G 48 9.48 -13.83 31.83
O MSE G 48 10.44 -14.47 31.40
CB MSE G 48 10.76 -11.89 32.66
CG MSE G 48 10.54 -11.27 31.31
SE MSE G 48 11.34 -9.55 31.19
CE MSE G 48 13.11 -10.13 30.74
N SER G 49 8.26 -13.92 31.32
CA SER G 49 7.98 -14.79 30.19
C SER G 49 8.25 -14.09 28.86
N THR G 50 7.95 -14.80 27.79
CA THR G 50 8.16 -14.29 26.45
C THR G 50 7.32 -13.05 26.16
N GLN G 51 6.03 -13.13 26.47
CA GLN G 51 5.13 -12.01 26.22
C GLN G 51 5.53 -10.85 27.12
N MSE G 52 5.78 -11.16 28.38
CA MSE G 52 6.17 -10.14 29.33
C MSE G 52 7.30 -9.34 28.74
O MSE G 52 7.27 -8.10 28.79
CB MSE G 52 6.65 -10.74 30.64
CG MSE G 52 6.84 -9.70 31.73
SE MSE G 52 5.16 -8.62 32.00
CE MSE G 52 4.47 -9.78 33.39
N ALA G 53 8.28 -10.03 28.17
CA ALA G 53 9.43 -9.37 27.58
C ALA G 53 9.05 -8.36 26.49
N LYS G 54 8.11 -8.74 25.62
CA LYS G 54 7.64 -7.86 24.54
C LYS G 54 6.96 -6.64 25.14
N LEU G 55 6.17 -6.85 26.19
CA LEU G 55 5.48 -5.75 26.87
C LEU G 55 6.53 -4.78 27.38
N PHE G 56 7.55 -5.32 28.02
CA PHE G 56 8.64 -4.55 28.58
C PHE G 56 9.27 -3.65 27.51
N ALA G 57 9.71 -4.25 26.42
CA ALA G 57 10.32 -3.51 25.33
C ALA G 57 9.34 -2.47 24.80
N ALA G 58 8.10 -2.90 24.57
CA ALA G 58 7.08 -2.00 24.06
C ALA G 58 6.88 -0.80 24.97
N ALA G 59 7.24 -0.96 26.24
CA ALA G 59 7.09 0.11 27.22
C ALA G 59 8.30 1.03 27.23
N GLY G 60 9.16 0.88 26.22
CA GLY G 60 10.34 1.68 26.13
C GLY G 60 11.39 1.31 27.16
N GLN G 61 11.38 0.04 27.58
CA GLN G 61 12.34 -0.43 28.57
C GLN G 61 13.35 -1.40 27.98
N LYS G 62 14.48 -1.52 28.65
CA LYS G 62 15.53 -2.43 28.20
C LYS G 62 15.67 -3.54 29.22
N VAL G 63 15.56 -4.79 28.76
CA VAL G 63 15.71 -5.90 29.68
C VAL G 63 16.48 -7.02 29.04
N PRO G 64 17.20 -7.81 29.86
CA PRO G 64 18.01 -8.93 29.38
C PRO G 64 17.18 -9.95 28.66
N GLU G 65 17.82 -10.77 27.85
CA GLU G 65 17.10 -11.79 27.12
C GLU G 65 16.66 -12.87 28.11
N VAL G 66 15.39 -13.23 28.00
CA VAL G 66 14.79 -14.25 28.84
C VAL G 66 15.67 -15.49 28.94
N LYS G 67 16.04 -15.90 30.16
CA LYS G 67 16.86 -17.10 30.30
C LYS G 67 15.87 -18.23 30.48
N TYR G 68 15.62 -18.96 29.40
CA TYR G 68 14.65 -20.02 29.43
C TYR G 68 15.06 -21.29 30.17
N ILE G 69 14.12 -22.22 30.25
CA ILE G 69 14.40 -23.49 30.87
C ILE G 69 14.27 -24.46 29.69
N PHE G 70 15.35 -25.15 29.38
CA PHE G 70 15.37 -26.08 28.25
C PHE G 70 14.79 -27.43 28.71
N GLU G 71 13.67 -27.85 28.13
CA GLU G 71 13.04 -29.12 28.51
C GLU G 71 13.04 -30.15 27.41
N LEU G 72 13.91 -31.13 27.52
CA LEU G 72 14.00 -32.15 26.49
C LEU G 72 13.04 -33.33 26.66
N ASN G 73 12.47 -33.76 25.54
CA ASN G 73 11.52 -34.87 25.53
C ASN G 73 12.16 -36.26 25.43
N PRO G 74 12.35 -36.92 26.58
CA PRO G 74 12.94 -38.25 26.71
C PRO G 74 12.45 -39.30 25.73
N ASP G 75 11.20 -39.26 25.30
CA ASP G 75 10.78 -40.32 24.41
C ASP G 75 11.06 -40.02 22.94
N HIS G 76 11.46 -38.81 22.62
CA HIS G 76 11.70 -38.48 21.23
C HIS G 76 12.99 -39.07 20.62
N VAL G 77 12.82 -39.74 19.48
CA VAL G 77 13.94 -40.32 18.76
C VAL G 77 15.17 -39.41 18.75
N LEU G 78 15.02 -38.17 18.27
CA LEU G 78 16.14 -37.27 18.19
C LEU G 78 16.77 -36.94 19.52
N VAL G 79 15.98 -36.92 20.59
CA VAL G 79 16.58 -36.61 21.87
C VAL G 79 17.37 -37.81 22.32
N LYS G 80 16.96 -39.00 21.88
CA LYS G 80 17.65 -40.21 22.26
C LYS G 80 18.93 -40.32 21.48
N ARG G 81 18.83 -39.99 20.19
CA ARG G 81 19.97 -40.03 19.32
C ARG G 81 21.08 -39.13 19.88
N ALA G 82 20.71 -37.97 20.39
CA ALA G 82 21.70 -37.05 20.94
C ALA G 82 22.40 -37.63 22.15
N ALA G 83 21.63 -38.26 23.03
CA ALA G 83 22.18 -38.85 24.24
C ALA G 83 23.12 -40.02 23.92
N ASP G 84 22.85 -40.74 22.83
CA ASP G 84 23.67 -41.87 22.40
C ASP G 84 24.92 -41.44 21.66
N THR G 85 24.92 -40.24 21.12
CA THR G 85 26.07 -39.74 20.39
C THR G 85 27.24 -39.50 21.34
N GLU G 86 28.33 -40.24 21.16
CA GLU G 86 29.46 -40.04 22.06
C GLU G 86 30.35 -38.88 21.63
N ASP G 87 30.39 -38.62 20.32
CA ASP G 87 31.19 -37.54 19.77
C ASP G 87 30.73 -36.18 20.28
N GLU G 88 31.56 -35.52 21.07
CA GLU G 88 31.15 -34.22 21.59
C GLU G 88 30.76 -33.21 20.52
N ALA G 89 31.29 -33.38 19.30
CA ALA G 89 30.96 -32.47 18.20
C ALA G 89 29.53 -32.71 17.72
N LYS G 90 29.24 -33.94 17.34
CA LYS G 90 27.92 -34.29 16.85
C LYS G 90 26.88 -34.04 17.93
N PHE G 91 27.20 -34.41 19.16
CA PHE G 91 26.30 -34.20 20.28
C PHE G 91 25.92 -32.73 20.28
N SER G 92 26.93 -31.88 20.51
CA SER G 92 26.74 -30.45 20.54
C SER G 92 25.89 -29.94 19.38
N GLU G 93 26.00 -30.61 18.23
CA GLU G 93 25.25 -30.21 17.06
C GLU G 93 23.75 -30.49 17.23
N TRP G 94 23.41 -31.69 17.69
CA TRP G 94 22.02 -32.02 17.92
C TRP G 94 21.44 -31.10 19.01
N VAL G 95 22.13 -30.99 20.14
CA VAL G 95 21.62 -30.12 21.19
C VAL G 95 21.33 -28.72 20.64
N GLU G 96 22.29 -28.12 19.94
CA GLU G 96 22.09 -26.79 19.37
C GLU G 96 20.88 -26.74 18.43
N LEU G 97 20.64 -27.83 17.69
CA LEU G 97 19.51 -27.87 16.76
C LEU G 97 18.19 -27.82 17.53
N LEU G 98 18.08 -28.66 18.55
CA LEU G 98 16.89 -28.73 19.38
C LEU G 98 16.62 -27.44 20.13
N LEU G 99 17.64 -26.86 20.74
CA LEU G 99 17.44 -25.62 21.47
C LEU G 99 16.90 -24.57 20.52
N ASP G 100 17.51 -24.48 19.35
CA ASP G 100 17.06 -23.51 18.35
C ASP G 100 15.62 -23.80 17.92
N GLN G 101 15.22 -25.07 17.88
CA GLN G 101 13.84 -25.40 17.50
C GLN G 101 12.87 -24.91 18.57
N ALA G 102 13.26 -25.07 19.83
CA ALA G 102 12.43 -24.66 20.92
C ALA G 102 12.27 -23.15 20.94
N LEU G 103 13.34 -22.41 20.65
CA LEU G 103 13.22 -20.95 20.65
C LEU G 103 12.31 -20.51 19.51
N LEU G 104 12.59 -21.00 18.31
CA LEU G 104 11.75 -20.63 17.19
C LEU G 104 10.27 -20.88 17.53
N ALA G 105 9.93 -22.05 18.04
CA ALA G 105 8.53 -22.31 18.37
C ALA G 105 8.01 -21.39 19.45
N GLU G 106 8.88 -20.91 20.33
CA GLU G 106 8.43 -20.04 21.42
C GLU G 106 8.36 -18.56 21.08
N ARG G 107 9.38 -18.04 20.42
CA ARG G 107 9.45 -16.64 20.08
C ARG G 107 9.09 -16.33 18.63
N GLY G 108 8.89 -17.34 17.82
CA GLY G 108 8.56 -17.11 16.42
C GLY G 108 9.71 -16.52 15.63
N THR G 109 10.87 -16.43 16.25
CA THR G 109 12.04 -15.86 15.57
C THR G 109 13.32 -16.32 16.24
N LEU G 110 14.43 -16.31 15.49
CA LEU G 110 15.73 -16.72 16.00
C LEU G 110 16.72 -15.60 15.75
N GLU G 111 17.69 -15.46 16.64
CA GLU G 111 18.73 -14.44 16.49
C GLU G 111 19.60 -14.66 15.23
N ASP G 112 19.86 -15.91 14.90
CA ASP G 112 20.69 -16.23 13.73
C ASP G 112 20.02 -17.30 12.89
N PRO G 113 18.96 -16.93 12.15
CA PRO G 113 18.24 -17.88 11.31
C PRO G 113 19.16 -18.67 10.40
N ASN G 114 20.09 -18.00 9.76
CA ASN G 114 20.98 -18.68 8.84
C ASN G 114 21.83 -19.76 9.45
N LEU G 115 22.25 -19.56 10.69
CA LEU G 115 23.05 -20.57 11.33
C LEU G 115 22.21 -21.83 11.56
N PHE G 116 20.96 -21.64 11.99
CA PHE G 116 20.02 -22.73 12.26
C PHE G 116 19.76 -23.49 10.97
N ILE G 117 19.51 -22.74 9.91
CA ILE G 117 19.25 -23.36 8.63
C ILE G 117 20.45 -24.18 8.17
N ARG G 118 21.67 -23.71 8.40
CA ARG G 118 22.81 -24.50 7.95
C ARG G 118 22.88 -25.82 8.71
N ARG G 119 22.67 -25.73 10.02
CA ARG G 119 22.64 -26.88 10.90
C ARG G 119 21.65 -27.96 10.44
N MSE G 120 20.36 -27.63 10.33
CA MSE G 120 19.45 -28.68 9.94
C MSE G 120 19.84 -29.29 8.61
O MSE G 120 19.70 -30.50 8.43
CB MSE G 120 17.97 -28.21 9.93
CG MSE G 120 17.73 -27.05 8.99
SE MSE G 120 15.86 -26.64 8.71
CE MSE G 120 15.47 -28.26 7.47
N ASN G 121 20.36 -28.47 7.72
CA ASN G 121 20.75 -28.95 6.39
C ASN G 121 21.84 -29.99 6.44
N GLN G 122 22.80 -29.75 7.31
CA GLN G 122 23.89 -30.69 7.48
C GLN G 122 23.35 -31.95 8.11
N LEU G 123 22.60 -31.78 9.18
CA LEU G 123 22.05 -32.93 9.86
C LEU G 123 21.11 -33.71 8.96
N LEU G 124 20.44 -33.04 8.02
CA LEU G 124 19.53 -33.75 7.14
C LEU G 124 20.30 -34.63 6.17
N VAL G 125 21.57 -34.26 5.97
CA VAL G 125 22.46 -34.96 5.06
C VAL G 125 23.32 -36.01 5.78
N SER G 126 23.37 -35.92 7.10
CA SER G 126 24.13 -36.88 7.91
C SER G 126 23.62 -38.32 7.76
N GLY H 11 31.04 6.79 -44.78
CA GLY H 11 31.99 6.33 -43.69
C GLY H 11 31.72 4.91 -43.22
N SER H 12 32.66 4.00 -43.45
CA SER H 12 32.44 2.62 -43.02
C SER H 12 32.03 2.55 -41.55
N PHE H 13 32.83 3.14 -40.66
CA PHE H 13 32.49 3.12 -39.23
C PHE H 13 31.09 3.67 -39.00
N ILE H 14 30.76 4.81 -39.59
CA ILE H 14 29.42 5.35 -39.39
C ILE H 14 28.37 4.40 -39.95
N ASP H 15 28.55 3.96 -41.20
CA ASP H 15 27.60 3.03 -41.82
C ASP H 15 27.39 1.80 -40.89
N ARG H 16 28.48 1.21 -40.41
CA ARG H 16 28.38 0.06 -39.53
C ARG H 16 27.59 0.39 -38.27
N VAL H 17 27.78 1.58 -37.72
CA VAL H 17 27.06 1.93 -36.49
C VAL H 17 25.59 2.15 -36.80
N LYS H 18 25.32 2.71 -37.96
CA LYS H 18 23.93 2.93 -38.37
C LYS H 18 23.29 1.57 -38.55
N ALA H 19 24.01 0.66 -39.19
CA ALA H 19 23.47 -0.66 -39.42
C ALA H 19 23.07 -1.33 -38.11
N LEU H 20 24.02 -1.35 -37.17
CA LEU H 20 23.80 -1.98 -35.88
C LEU H 20 22.69 -1.43 -35.01
N LEU H 21 22.49 -0.11 -35.02
CA LEU H 21 21.46 0.49 -34.17
C LEU H 21 20.07 0.59 -34.81
N GLY H 22 20.01 0.54 -36.14
CA GLY H 22 18.75 0.60 -36.83
C GLY H 22 17.89 1.78 -36.43
N GLU H 23 16.61 1.52 -36.15
CA GLU H 23 15.62 2.53 -35.78
C GLU H 23 15.78 3.12 -34.39
N ARG H 24 16.63 2.52 -33.56
CA ARG H 24 16.81 3.03 -32.19
C ARG H 24 17.34 4.45 -32.22
N VAL H 25 17.91 4.81 -33.36
CA VAL H 25 18.50 6.12 -33.55
C VAL H 25 18.05 6.73 -34.88
N LYS H 26 17.71 8.01 -34.86
CA LYS H 26 17.28 8.71 -36.07
C LYS H 26 18.41 8.82 -37.09
N ASP H 27 19.62 9.07 -36.60
CA ASP H 27 20.76 9.19 -37.50
C ASP H 27 22.05 9.06 -36.70
N VAL H 28 23.15 8.83 -37.39
CA VAL H 28 24.42 8.69 -36.71
C VAL H 28 25.43 9.55 -37.45
N ARG H 29 26.03 10.51 -36.75
CA ARG H 29 27.00 11.39 -37.39
C ARG H 29 28.21 11.66 -36.53
N LEU H 30 29.29 12.08 -37.16
CA LEU H 30 30.50 12.43 -36.43
C LEU H 30 30.45 13.92 -36.08
N THR H 31 30.94 14.29 -34.88
CA THR H 31 30.94 15.69 -34.46
C THR H 31 32.27 16.09 -33.87
N HIS H 32 32.58 17.38 -33.81
CA HIS H 32 33.82 17.77 -33.20
C HIS H 32 33.60 18.62 -31.95
N ARG H 33 32.37 19.09 -31.76
CA ARG H 33 32.05 19.90 -30.59
C ARG H 33 32.44 19.20 -29.29
N LEU H 34 32.79 17.91 -29.33
CA LEU H 34 33.15 17.21 -28.10
C LEU H 34 34.66 17.17 -27.93
N THR H 35 35.10 17.09 -26.67
CA THR H 35 36.53 17.09 -26.38
C THR H 35 37.03 15.78 -25.76
N ASP H 36 36.81 15.62 -24.45
CA ASP H 36 37.26 14.43 -23.75
C ASP H 36 36.09 13.46 -23.55
N THR H 37 35.03 13.68 -24.30
CA THR H 37 33.86 12.84 -24.24
C THR H 37 33.67 12.13 -25.59
N PRO H 38 33.25 10.86 -25.57
CA PRO H 38 33.07 10.13 -26.83
C PRO H 38 31.78 10.20 -27.61
N ALA H 39 30.66 10.32 -26.90
CA ALA H 39 29.40 10.27 -27.61
C ALA H 39 28.31 11.01 -26.91
N ILE H 40 27.36 11.47 -27.69
CA ILE H 40 26.29 12.22 -27.12
C ILE H 40 25.07 12.03 -27.99
N VAL H 41 23.90 12.28 -27.44
CA VAL H 41 22.71 12.12 -28.24
C VAL H 41 21.96 13.45 -28.23
N SER H 42 21.20 13.73 -29.29
CA SER H 42 20.46 14.99 -29.32
C SER H 42 19.20 14.91 -30.14
N THR H 43 18.40 15.98 -30.09
CA THR H 43 17.18 16.00 -30.88
C THR H 43 17.05 17.37 -31.55
N ASP H 44 16.56 17.40 -32.78
CA ASP H 44 16.38 18.67 -33.48
C ASP H 44 15.44 19.56 -32.69
N ALA H 45 15.79 20.83 -32.58
CA ALA H 45 15.01 21.81 -31.81
C ALA H 45 13.55 21.92 -32.24
N ASP H 46 13.29 21.54 -33.48
CA ASP H 46 11.95 21.60 -34.05
C ASP H 46 11.20 20.26 -33.95
N GLU H 47 11.82 19.24 -33.36
CA GLU H 47 11.16 17.95 -33.20
C GLU H 47 10.89 17.64 -31.72
N MSE H 48 10.14 16.58 -31.42
CA MSE H 48 9.80 16.25 -30.04
C MSE H 48 11.05 16.14 -29.17
O MSE H 48 12.07 15.53 -29.57
CB MSE H 48 9.02 14.94 -29.99
CG MSE H 48 8.51 14.53 -28.63
SE MSE H 48 6.92 15.46 -28.21
CE MSE H 48 6.02 15.76 -29.84
N SER H 49 10.98 16.75 -28.00
CA SER H 49 12.10 16.73 -27.07
C SER H 49 11.82 15.70 -26.00
N THR H 50 12.88 15.20 -25.38
CA THR H 50 12.77 14.22 -24.33
C THR H 50 11.73 14.62 -23.27
N GLN H 51 11.84 15.84 -22.75
CA GLN H 51 10.91 16.30 -21.74
C GLN H 51 9.48 16.50 -22.22
N MSE H 52 9.32 16.97 -23.46
CA MSE H 52 7.96 17.15 -24.00
C MSE H 52 7.30 15.76 -24.07
O MSE H 52 6.12 15.61 -23.72
CB MSE H 52 8.01 17.78 -25.38
CG MSE H 52 6.64 18.00 -25.98
SE MSE H 52 5.42 19.13 -25.02
CE MSE H 52 5.03 20.36 -26.37
N ALA H 53 8.06 14.75 -24.48
CA ALA H 53 7.54 13.39 -24.53
C ALA H 53 7.06 12.99 -23.13
N LYS H 54 7.94 13.13 -22.15
CA LYS H 54 7.61 12.78 -20.76
C LYS H 54 6.32 13.45 -20.27
N LEU H 55 6.11 14.70 -20.63
CA LEU H 55 4.88 15.38 -20.20
C LEU H 55 3.66 14.68 -20.78
N PHE H 56 3.78 14.13 -21.99
CA PHE H 56 2.65 13.43 -22.57
C PHE H 56 2.30 12.22 -21.75
N ALA H 57 3.31 11.44 -21.41
CA ALA H 57 3.09 10.27 -20.59
C ALA H 57 2.41 10.73 -19.29
N ALA H 58 2.98 11.74 -18.64
CA ALA H 58 2.41 12.26 -17.41
C ALA H 58 0.96 12.70 -17.59
N ALA H 59 0.57 13.01 -18.82
CA ALA H 59 -0.80 13.45 -19.08
C ALA H 59 -1.65 12.27 -19.49
N GLY H 60 -1.05 11.08 -19.40
CA GLY H 60 -1.74 9.85 -19.75
C GLY H 60 -2.00 9.72 -21.23
N GLN H 61 -1.04 10.13 -22.05
CA GLN H 61 -1.16 10.06 -23.50
C GLN H 61 -0.13 9.09 -24.05
N LYS H 62 -0.33 8.63 -25.27
CA LYS H 62 0.62 7.73 -25.89
C LYS H 62 1.87 8.60 -26.12
N VAL H 63 3.06 8.07 -25.84
CA VAL H 63 4.23 8.90 -26.00
C VAL H 63 4.67 9.11 -27.44
N PRO H 64 4.69 10.36 -27.89
CA PRO H 64 5.12 10.67 -29.27
C PRO H 64 6.55 10.23 -29.50
N GLU H 65 6.83 9.73 -30.69
CA GLU H 65 8.18 9.30 -30.97
C GLU H 65 9.21 10.39 -30.76
N VAL H 66 10.35 10.04 -30.16
CA VAL H 66 11.45 10.98 -29.96
C VAL H 66 12.59 10.45 -30.82
N LYS H 67 13.03 11.24 -31.79
CA LYS H 67 14.09 10.81 -32.69
C LYS H 67 15.46 11.33 -32.28
N TYR H 68 16.30 10.43 -31.77
CA TYR H 68 17.63 10.83 -31.30
C TYR H 68 18.73 10.84 -32.36
N ILE H 69 19.54 11.88 -32.36
CA ILE H 69 20.66 11.94 -33.28
C ILE H 69 21.85 11.45 -32.48
N PHE H 70 22.54 10.43 -32.97
CA PHE H 70 23.68 9.87 -32.26
C PHE H 70 24.94 10.51 -32.78
N GLU H 71 25.67 11.21 -31.92
CA GLU H 71 26.89 11.88 -32.35
C GLU H 71 28.15 11.33 -31.68
N LEU H 72 29.12 10.97 -32.51
CA LEU H 72 30.35 10.39 -32.04
C LEU H 72 31.57 11.25 -32.26
N ASN H 73 32.49 11.22 -31.29
CA ASN H 73 33.70 11.99 -31.37
C ASN H 73 34.81 11.07 -31.89
N PRO H 74 35.11 11.17 -33.20
CA PRO H 74 36.15 10.36 -33.85
C PRO H 74 37.52 10.51 -33.24
N ASP H 75 37.68 11.53 -32.40
CA ASP H 75 38.97 11.76 -31.77
C ASP H 75 39.10 11.04 -30.43
N HIS H 76 37.99 10.77 -29.77
CA HIS H 76 38.06 10.07 -28.50
C HIS H 76 38.62 8.65 -28.60
N VAL H 77 39.33 8.21 -27.57
CA VAL H 77 39.93 6.87 -27.60
C VAL H 77 38.90 5.75 -27.76
N LEU H 78 37.89 5.74 -26.89
CA LEU H 78 36.85 4.73 -26.95
C LEU H 78 36.24 4.63 -28.36
N VAL H 79 35.94 5.76 -28.99
CA VAL H 79 35.38 5.69 -30.33
C VAL H 79 36.35 5.04 -31.31
N LYS H 80 37.62 5.39 -31.23
CA LYS H 80 38.63 4.81 -32.11
C LYS H 80 38.74 3.33 -31.80
N ARG H 81 38.55 3.00 -30.53
CA ARG H 81 38.67 1.62 -30.12
C ARG H 81 37.57 0.79 -30.81
N ALA H 82 36.36 1.34 -30.83
CA ALA H 82 35.21 0.68 -31.45
C ALA H 82 35.40 0.63 -32.95
N ALA H 83 35.86 1.74 -33.50
CA ALA H 83 36.07 1.85 -34.94
C ALA H 83 37.21 0.98 -35.44
N ASP H 84 38.02 0.43 -34.55
CA ASP H 84 39.13 -0.41 -34.99
C ASP H 84 38.99 -1.88 -34.64
N THR H 85 37.97 -2.22 -33.87
CA THR H 85 37.72 -3.60 -33.48
C THR H 85 37.17 -4.40 -34.65
N GLU H 86 37.82 -5.53 -34.92
CA GLU H 86 37.44 -6.42 -36.00
C GLU H 86 36.29 -7.35 -35.60
N ASP H 87 36.33 -7.84 -34.37
CA ASP H 87 35.29 -8.74 -33.87
C ASP H 87 33.94 -8.04 -33.76
N GLU H 88 32.96 -8.51 -34.52
CA GLU H 88 31.62 -7.91 -34.50
C GLU H 88 31.01 -7.85 -33.12
N ALA H 89 31.31 -8.83 -32.28
CA ALA H 89 30.74 -8.87 -30.94
C ALA H 89 31.31 -7.75 -30.08
N LYS H 90 32.63 -7.61 -30.08
CA LYS H 90 33.28 -6.56 -29.31
C LYS H 90 32.78 -5.23 -29.83
N PHE H 91 32.76 -5.08 -31.16
CA PHE H 91 32.28 -3.85 -31.78
C PHE H 91 30.88 -3.53 -31.26
N SER H 92 30.00 -4.51 -31.33
CA SER H 92 28.64 -4.31 -30.86
C SER H 92 28.66 -3.84 -29.41
N GLU H 93 29.47 -4.50 -28.58
CA GLU H 93 29.57 -4.14 -27.18
C GLU H 93 29.99 -2.68 -26.95
N TRP H 94 31.02 -2.20 -27.67
CA TRP H 94 31.46 -0.82 -27.55
C TRP H 94 30.38 0.16 -27.95
N VAL H 95 29.83 -0.01 -29.15
CA VAL H 95 28.78 0.90 -29.58
C VAL H 95 27.60 0.86 -28.61
N GLU H 96 27.26 -0.33 -28.14
CA GLU H 96 26.14 -0.43 -27.23
C GLU H 96 26.38 0.37 -25.97
N LEU H 97 27.65 0.41 -25.53
CA LEU H 97 28.02 1.15 -24.33
C LEU H 97 27.97 2.66 -24.60
N LEU H 98 28.46 3.08 -25.75
CA LEU H 98 28.45 4.48 -26.09
C LEU H 98 27.04 5.01 -26.17
N LEU H 99 26.15 4.26 -26.80
CA LEU H 99 24.78 4.71 -26.91
C LEU H 99 24.09 4.73 -25.55
N ASP H 100 24.38 3.75 -24.71
CA ASP H 100 23.75 3.73 -23.41
C ASP H 100 24.08 4.97 -22.56
N GLN H 101 25.37 5.32 -22.47
CA GLN H 101 25.74 6.48 -21.67
C GLN H 101 25.12 7.77 -22.23
N ALA H 102 25.11 7.88 -23.55
CA ALA H 102 24.50 9.05 -24.17
C ALA H 102 23.02 9.12 -23.76
N LEU H 103 22.32 7.98 -23.79
CA LEU H 103 20.91 7.98 -23.44
C LEU H 103 20.67 8.24 -21.96
N LEU H 104 21.53 7.70 -21.11
CA LEU H 104 21.35 7.93 -19.68
C LEU H 104 21.52 9.45 -19.46
N ALA H 105 22.59 10.01 -20.03
CA ALA H 105 22.88 11.43 -19.92
C ALA H 105 21.69 12.28 -20.36
N GLU H 106 21.03 11.85 -21.42
CA GLU H 106 19.91 12.59 -21.96
C GLU H 106 18.57 12.36 -21.28
N ARG H 107 18.28 11.15 -20.85
CA ARG H 107 16.97 10.87 -20.25
C ARG H 107 16.99 10.68 -18.76
N GLY H 108 18.19 10.57 -18.18
CA GLY H 108 18.29 10.38 -16.76
C GLY H 108 17.94 8.98 -16.30
N THR H 109 17.71 8.07 -17.23
CA THR H 109 17.39 6.67 -16.91
C THR H 109 17.63 5.77 -18.12
N LEU H 110 17.55 4.47 -17.90
CA LEU H 110 17.75 3.51 -18.98
C LEU H 110 16.69 2.45 -18.91
N GLU H 111 16.40 1.82 -20.03
CA GLU H 111 15.40 0.77 -20.04
C GLU H 111 15.91 -0.39 -19.18
N ASP H 112 17.21 -0.70 -19.36
CA ASP H 112 17.87 -1.80 -18.65
C ASP H 112 19.20 -1.35 -18.02
N PRO H 113 19.14 -0.74 -16.82
CA PRO H 113 20.33 -0.27 -16.13
C PRO H 113 21.33 -1.40 -15.94
N ASN H 114 20.80 -2.54 -15.51
CA ASN H 114 21.63 -3.69 -15.24
C ASN H 114 22.41 -4.19 -16.42
N LEU H 115 21.79 -4.17 -17.60
CA LEU H 115 22.49 -4.61 -18.77
C LEU H 115 23.66 -3.63 -18.94
N PHE H 116 23.35 -2.33 -18.86
CA PHE H 116 24.37 -1.29 -18.98
C PHE H 116 25.54 -1.58 -18.04
N ILE H 117 25.24 -1.76 -16.76
CA ILE H 117 26.27 -2.04 -15.77
C ILE H 117 27.08 -3.28 -16.10
N ARG H 118 26.37 -4.37 -16.36
CA ARG H 118 26.97 -5.63 -16.70
C ARG H 118 27.88 -5.41 -17.91
N ARG H 119 27.33 -4.79 -18.95
CA ARG H 119 28.12 -4.55 -20.14
C ARG H 119 29.39 -3.74 -19.84
N MSE H 120 29.26 -2.75 -18.98
CA MSE H 120 30.39 -1.90 -18.62
C MSE H 120 31.48 -2.71 -17.89
O MSE H 120 32.65 -2.67 -18.29
CB MSE H 120 29.88 -0.75 -17.77
CG MSE H 120 30.72 -0.31 -16.62
SE MSE H 120 29.77 1.13 -15.75
CE MSE H 120 29.18 0.27 -14.21
N ASN H 121 31.10 -3.49 -16.89
CA ASN H 121 32.06 -4.31 -16.16
C ASN H 121 32.79 -5.30 -17.04
N GLN H 122 32.09 -5.84 -18.04
CA GLN H 122 32.74 -6.80 -18.91
C GLN H 122 33.88 -6.09 -19.64
N LEU H 123 33.64 -4.90 -20.16
CA LEU H 123 34.67 -4.18 -20.87
C LEU H 123 35.77 -3.67 -19.96
N LEU H 124 35.43 -3.44 -18.69
CA LEU H 124 36.42 -2.95 -17.76
C LEU H 124 37.50 -3.98 -17.48
N VAL H 125 37.21 -5.24 -17.74
CA VAL H 125 38.20 -6.27 -17.49
C VAL H 125 38.89 -6.76 -18.75
N SER H 126 38.13 -6.82 -19.84
CA SER H 126 38.69 -7.28 -21.10
C SER H 126 39.62 -6.22 -21.71
NI NI I . -28.54 18.87 -4.08
NI NI J . -34.65 -2.21 5.95
CL CL K . -14.79 19.03 33.86
CL CL L . -22.65 5.95 -31.53
NI NI M . 9.39 -41.67 28.64
CL CL N . 30.59 10.41 -24.21
#